data_1K1H
# 
_entry.id   1K1H 
# 
_audit_conform.dict_name       mmcif_pdbx.dic 
_audit_conform.dict_version    5.392 
_audit_conform.dict_location   http://mmcif.pdb.org/dictionaries/ascii/mmcif_pdbx.dic 
# 
loop_
_database_2.database_id 
_database_2.database_code 
_database_2.pdbx_database_accession 
_database_2.pdbx_DOI 
PDB   1K1H         pdb_00001k1h 10.2210/pdb1k1h/pdb 
RCSB  RCSB014441   ?            ?                   
WWPDB D_1000014441 ?            ?                   
# 
loop_
_pdbx_audit_revision_history.ordinal 
_pdbx_audit_revision_history.data_content_type 
_pdbx_audit_revision_history.major_revision 
_pdbx_audit_revision_history.minor_revision 
_pdbx_audit_revision_history.revision_date 
1 'Structure model' 1 0 2002-06-19 
2 'Structure model' 1 1 2008-04-27 
3 'Structure model' 1 2 2011-07-13 
4 'Structure model' 1 3 2022-02-23 
5 'Structure model' 1 4 2024-05-22 
# 
_pdbx_audit_revision_details.ordinal             1 
_pdbx_audit_revision_details.revision_ordinal    1 
_pdbx_audit_revision_details.data_content_type   'Structure model' 
_pdbx_audit_revision_details.provider            repository 
_pdbx_audit_revision_details.type                'Initial release' 
_pdbx_audit_revision_details.description         ? 
_pdbx_audit_revision_details.details             ? 
# 
loop_
_pdbx_audit_revision_group.ordinal 
_pdbx_audit_revision_group.revision_ordinal 
_pdbx_audit_revision_group.data_content_type 
_pdbx_audit_revision_group.group 
1 2 'Structure model' 'Version format compliance' 
2 3 'Structure model' 'Version format compliance' 
3 4 'Structure model' 'Data collection'           
4 4 'Structure model' 'Database references'       
5 4 'Structure model' 'Derived calculations'      
6 4 'Structure model' 'Experimental preparation'  
7 5 'Structure model' 'Data collection'           
# 
loop_
_pdbx_audit_revision_category.ordinal 
_pdbx_audit_revision_category.revision_ordinal 
_pdbx_audit_revision_category.data_content_type 
_pdbx_audit_revision_category.category 
1 4 'Structure model' database_2                       
2 4 'Structure model' pdbx_nmr_exptl_sample_conditions 
3 4 'Structure model' pdbx_nmr_software                
4 4 'Structure model' pdbx_struct_assembly             
5 4 'Structure model' pdbx_struct_oper_list            
6 4 'Structure model' struct_conn                      
7 5 'Structure model' chem_comp_atom                   
8 5 'Structure model' chem_comp_bond                   
# 
loop_
_pdbx_audit_revision_item.ordinal 
_pdbx_audit_revision_item.revision_ordinal 
_pdbx_audit_revision_item.data_content_type 
_pdbx_audit_revision_item.item 
1 4 'Structure model' '_database_2.pdbx_DOI'                             
2 4 'Structure model' '_database_2.pdbx_database_accession'              
3 4 'Structure model' '_pdbx_nmr_exptl_sample_conditions.pressure_units' 
4 4 'Structure model' '_pdbx_nmr_software.name'                          
5 4 'Structure model' '_struct_conn.pdbx_leaving_atom_flag'              
# 
_pdbx_database_status.status_code                     REL 
_pdbx_database_status.entry_id                        1K1H 
_pdbx_database_status.recvd_initial_deposition_date   2001-09-25 
_pdbx_database_status.deposit_site                    RCSB 
_pdbx_database_status.process_site                    RCSB 
_pdbx_database_status.SG_entry                        . 
_pdbx_database_status.pdb_format_compatible           Y 
_pdbx_database_status.status_code_mr                  ? 
_pdbx_database_status.status_code_sf                  ? 
_pdbx_database_status.status_code_cs                  ? 
_pdbx_database_status.status_code_nmr_data            ? 
_pdbx_database_status.methods_development_category    ? 
# 
_pdbx_database_related.db_name        PDB 
_pdbx_database_related.db_id          1K1R 
_pdbx_database_related.details        'HETERODUPLEX OF CHIRALLY PURE R-METHYLPHOSPHONATE / DNA DUPLEX' 
_pdbx_database_related.content_type   unspecified 
# 
loop_
_audit_author.name 
_audit_author.pdbx_ordinal 
'Thiviyanathan, V.' 1 
'Vyazovkina, K.V.'  2 
'Gozansky, E.K.'    3 
'Bichenchova, E.'   4 
'Abramova, T.V.'    5 
'Luxon, B.A.'       6 
'Lebedev, A.V.'     7 
'Gorenstein, D.G.'  8 
# 
_citation.id                        primary 
_citation.title                     
'Structure of hybrid backbone methylphosphonate DNA heteroduplexes: effect of R and S stereochemistry.' 
_citation.journal_abbrev            Biochemistry 
_citation.journal_volume            41 
_citation.page_first                827 
_citation.page_last                 838 
_citation.year                      2002 
_citation.journal_id_ASTM           BICHAW 
_citation.country                   US 
_citation.journal_id_ISSN           0006-2960 
_citation.journal_id_CSD            0033 
_citation.book_publisher            ? 
_citation.pdbx_database_id_PubMed   11790104 
_citation.pdbx_database_id_DOI      10.1021/bi011551k 
# 
loop_
_citation_author.citation_id 
_citation_author.name 
_citation_author.ordinal 
_citation_author.identifier_ORCID 
primary 'Thiviyanathan, V.' 1 ? 
primary 'Vyazovkina, K.V.'  2 ? 
primary 'Gozansky, E.K.'    3 ? 
primary 'Bichenchova, E.'   4 ? 
primary 'Abramova, T.V.'    5 ? 
primary 'Luxon, B.A.'       6 ? 
primary 'Lebedev, A.V.'     7 ? 
primary 'Gorenstein, D.G.'  8 ? 
# 
loop_
_entity.id 
_entity.type 
_entity.src_method 
_entity.pdbx_description 
_entity.formula_weight 
_entity.pdbx_number_of_molecules 
_entity.pdbx_ec 
_entity.pdbx_mutation 
_entity.pdbx_fragment 
_entity.details 
1 polymer syn "5'-D(*TP*GP*TP*TP*TP*GP*GP*C)-3'"                      2448.613 1 ? ? ? ? 
2 polymer syn "5'-D(*CP*(CMR)P*(RMP)P*(RMP)P*(SMP)P*(CMR)P*(RMP))-3'" 2063.577 1 ? ? ? ? 
# 
loop_
_entity_poly.entity_id 
_entity_poly.type 
_entity_poly.nstd_linkage 
_entity_poly.nstd_monomer 
_entity_poly.pdbx_seq_one_letter_code 
_entity_poly.pdbx_seq_one_letter_code_can 
_entity_poly.pdbx_strand_id 
_entity_poly.pdbx_target_identifier 
1 polydeoxyribonucleotide no no  '(DT)(DG)(DT)(DT)(DT)(DG)(DG)(DC)'   TGTTTGGC A ? 
2 polydeoxyribonucleotide no yes '(DC)(CMR)(RMP)(RMP)(SMP)(CMR)(RMP)' CCAAACA  B ? 
# 
loop_
_entity_poly_seq.entity_id 
_entity_poly_seq.num 
_entity_poly_seq.mon_id 
_entity_poly_seq.hetero 
1 1 DT  n 
1 2 DG  n 
1 3 DT  n 
1 4 DT  n 
1 5 DT  n 
1 6 DG  n 
1 7 DG  n 
1 8 DC  n 
2 1 DC  n 
2 2 CMR n 
2 3 RMP n 
2 4 RMP n 
2 5 SMP n 
2 6 CMR n 
2 7 RMP n 
# 
loop_
_chem_comp.id 
_chem_comp.type 
_chem_comp.mon_nstd_flag 
_chem_comp.name 
_chem_comp.pdbx_synonyms 
_chem_comp.formula 
_chem_comp.formula_weight 
CMR 'DNA linking' n "2'-DEOXY-CYTIDINE-5'-RP-MONOMETHYLPHOSPHONATE"  ? 'C10 H16 N3 O6 P' 305.224 
DC  'DNA linking' y "2'-DEOXYCYTIDINE-5'-MONOPHOSPHATE"              ? 'C9 H14 N3 O7 P'  307.197 
DG  'DNA linking' y "2'-DEOXYGUANOSINE-5'-MONOPHOSPHATE"             ? 'C10 H14 N5 O7 P' 347.221 
DT  'DNA linking' y "THYMIDINE-5'-MONOPHOSPHATE"                     ? 'C10 H15 N2 O8 P' 322.208 
RMP 'DNA linking' n "2'-DEOXY-ADENOSINE-5'-RP-MONOMETHYLPHOSPHONATE" ? 'C11 H16 N5 O5 P' 329.249 
SMP 'DNA linking' n "2'-DEOXY-ADENOSINE-5'-SP-MONOMETHYLPHOSPHONATE" ? 'C11 H16 N5 O5 P' 329.249 
# 
loop_
_pdbx_poly_seq_scheme.asym_id 
_pdbx_poly_seq_scheme.entity_id 
_pdbx_poly_seq_scheme.seq_id 
_pdbx_poly_seq_scheme.mon_id 
_pdbx_poly_seq_scheme.ndb_seq_num 
_pdbx_poly_seq_scheme.pdb_seq_num 
_pdbx_poly_seq_scheme.auth_seq_num 
_pdbx_poly_seq_scheme.pdb_mon_id 
_pdbx_poly_seq_scheme.auth_mon_id 
_pdbx_poly_seq_scheme.pdb_strand_id 
_pdbx_poly_seq_scheme.pdb_ins_code 
_pdbx_poly_seq_scheme.hetero 
A 1 1 DT  1 1  1  DT  DT5 A . n 
A 1 2 DG  2 2  2  DG  DG  A . n 
A 1 3 DT  3 3  3  DT  DT  A . n 
A 1 4 DT  4 4  4  DT  DT  A . n 
A 1 5 DT  5 5  5  DT  DT  A . n 
A 1 6 DG  6 6  6  DG  DG  A . n 
A 1 7 DG  7 7  7  DG  DG  A . n 
A 1 8 DC  8 8  8  DC  DC3 A . n 
B 2 1 DC  1 9  9  DC  DC5 B . n 
B 2 2 CMR 2 10 10 CMR CMR B . n 
B 2 3 RMP 3 11 11 RMP AMR B . n 
B 2 4 RMP 4 12 12 RMP AMR B . n 
B 2 5 SMP 5 13 13 SMP AMS B . n 
B 2 6 CMR 6 14 14 CMR CMR B . n 
B 2 7 RMP 7 15 15 RMP AR3 B . n 
# 
_exptl.entry_id          1K1H 
_exptl.method            'SOLUTION NMR' 
_exptl.crystals_number   ? 
# 
_exptl_crystal.id                    1 
_exptl_crystal.density_meas          ? 
_exptl_crystal.density_Matthews      ? 
_exptl_crystal.density_percent_sol   ? 
_exptl_crystal.description           ? 
# 
_diffrn.id                     1 
_diffrn.ambient_temp           ? 
_diffrn.ambient_temp_details   ? 
_diffrn.crystal_id             1 
# 
_diffrn_radiation.diffrn_id                        1 
_diffrn_radiation.wavelength_id                    1 
_diffrn_radiation.pdbx_monochromatic_or_laue_m_l   M 
_diffrn_radiation.monochromator                    ? 
_diffrn_radiation.pdbx_diffrn_protocol             'SINGLE WAVELENGTH' 
_diffrn_radiation.pdbx_scattering_type             ? 
# 
_diffrn_radiation_wavelength.id           1 
_diffrn_radiation_wavelength.wavelength   . 
_diffrn_radiation_wavelength.wt           1.0 
# 
_struct.entry_id                  1K1H 
_struct.title                     'HETERODUPLEX OF CHIRALLY PURE METHYLPHOSPHONATE/DNA DUPLEX' 
_struct.pdbx_model_details        ? 
_struct.pdbx_CASP_flag            ? 
_struct.pdbx_model_type_details   ? 
# 
_struct_keywords.entry_id        1K1H 
_struct_keywords.pdbx_keywords   DNA 
_struct_keywords.text            'methyl phosphonate, anti sense, DNA' 
# 
loop_
_struct_asym.id 
_struct_asym.pdbx_blank_PDB_chainid_flag 
_struct_asym.pdbx_modified 
_struct_asym.entity_id 
_struct_asym.details 
A N N 1 ? 
B N N 2 ? 
# 
loop_
_struct_ref.id 
_struct_ref.entity_id 
_struct_ref.db_name 
_struct_ref.db_code 
_struct_ref.pdbx_db_accession 
_struct_ref.pdbx_db_isoform 
_struct_ref.pdbx_seq_one_letter_code 
_struct_ref.pdbx_align_begin 
1 1 PDB 1K1H 1K1H ? ? ? 
2 2 PDB 1K1H 1K1H ? ? ? 
# 
loop_
_struct_ref_seq.align_id 
_struct_ref_seq.ref_id 
_struct_ref_seq.pdbx_PDB_id_code 
_struct_ref_seq.pdbx_strand_id 
_struct_ref_seq.seq_align_beg 
_struct_ref_seq.pdbx_seq_align_beg_ins_code 
_struct_ref_seq.seq_align_end 
_struct_ref_seq.pdbx_seq_align_end_ins_code 
_struct_ref_seq.pdbx_db_accession 
_struct_ref_seq.db_align_beg 
_struct_ref_seq.pdbx_db_align_beg_ins_code 
_struct_ref_seq.db_align_end 
_struct_ref_seq.pdbx_db_align_end_ins_code 
_struct_ref_seq.pdbx_auth_seq_align_beg 
_struct_ref_seq.pdbx_auth_seq_align_end 
1 1 1K1H A 1 ? 8 ? 1K1H 1 ? 8  ? 1 8  
2 2 1K1H B 1 ? 7 ? 1K1H 9 ? 15 ? 9 15 
# 
_pdbx_struct_assembly.id                   1 
_pdbx_struct_assembly.details              author_defined_assembly 
_pdbx_struct_assembly.method_details       ? 
_pdbx_struct_assembly.oligomeric_details   dimeric 
_pdbx_struct_assembly.oligomeric_count     2 
# 
_pdbx_struct_assembly_gen.assembly_id       1 
_pdbx_struct_assembly_gen.oper_expression   1 
_pdbx_struct_assembly_gen.asym_id_list      A,B 
# 
_pdbx_struct_oper_list.id                   1 
_pdbx_struct_oper_list.type                 'identity operation' 
_pdbx_struct_oper_list.name                 1_555 
_pdbx_struct_oper_list.symmetry_operation   x,y,z 
_pdbx_struct_oper_list.matrix[1][1]         1.0000000000 
_pdbx_struct_oper_list.matrix[1][2]         0.0000000000 
_pdbx_struct_oper_list.matrix[1][3]         0.0000000000 
_pdbx_struct_oper_list.vector[1]            0.0000000000 
_pdbx_struct_oper_list.matrix[2][1]         0.0000000000 
_pdbx_struct_oper_list.matrix[2][2]         1.0000000000 
_pdbx_struct_oper_list.matrix[2][3]         0.0000000000 
_pdbx_struct_oper_list.vector[2]            0.0000000000 
_pdbx_struct_oper_list.matrix[3][1]         0.0000000000 
_pdbx_struct_oper_list.matrix[3][2]         0.0000000000 
_pdbx_struct_oper_list.matrix[3][3]         1.0000000000 
_pdbx_struct_oper_list.vector[3]            0.0000000000 
# 
_struct_biol.id   1 
# 
loop_
_struct_conn.id 
_struct_conn.conn_type_id 
_struct_conn.pdbx_leaving_atom_flag 
_struct_conn.pdbx_PDB_id 
_struct_conn.ptnr1_label_asym_id 
_struct_conn.ptnr1_label_comp_id 
_struct_conn.ptnr1_label_seq_id 
_struct_conn.ptnr1_label_atom_id 
_struct_conn.pdbx_ptnr1_label_alt_id 
_struct_conn.pdbx_ptnr1_PDB_ins_code 
_struct_conn.pdbx_ptnr1_standard_comp_id 
_struct_conn.ptnr1_symmetry 
_struct_conn.ptnr2_label_asym_id 
_struct_conn.ptnr2_label_comp_id 
_struct_conn.ptnr2_label_seq_id 
_struct_conn.ptnr2_label_atom_id 
_struct_conn.pdbx_ptnr2_label_alt_id 
_struct_conn.pdbx_ptnr2_PDB_ins_code 
_struct_conn.ptnr1_auth_asym_id 
_struct_conn.ptnr1_auth_comp_id 
_struct_conn.ptnr1_auth_seq_id 
_struct_conn.ptnr2_auth_asym_id 
_struct_conn.ptnr2_auth_comp_id 
_struct_conn.ptnr2_auth_seq_id 
_struct_conn.ptnr2_symmetry 
_struct_conn.pdbx_ptnr3_label_atom_id 
_struct_conn.pdbx_ptnr3_label_seq_id 
_struct_conn.pdbx_ptnr3_label_comp_id 
_struct_conn.pdbx_ptnr3_label_asym_id 
_struct_conn.pdbx_ptnr3_label_alt_id 
_struct_conn.pdbx_ptnr3_PDB_ins_code 
_struct_conn.details 
_struct_conn.pdbx_dist_value 
_struct_conn.pdbx_value_order 
_struct_conn.pdbx_role 
covale1  covale both ? B DC  1 "O3'" ? ? ? 1_555 B CMR 2 P  ? ? B DC  9  B CMR 10 1_555 ? ? ? ? ? ? ?            1.603 ? ? 
covale2  covale both ? B CMR 2 "O3'" ? ? ? 1_555 B RMP 3 P  ? ? B CMR 10 B RMP 11 1_555 ? ? ? ? ? ? ?            1.610 ? ? 
covale3  covale both ? B RMP 3 "O3'" ? ? ? 1_555 B RMP 4 P  ? ? B RMP 11 B RMP 12 1_555 ? ? ? ? ? ? ?            1.592 ? ? 
covale4  covale both ? B RMP 4 "O3'" ? ? ? 1_555 B SMP 5 P  ? ? B RMP 12 B SMP 13 1_555 ? ? ? ? ? ? ?            1.594 ? ? 
covale5  covale both ? B SMP 5 "O3'" ? ? ? 1_555 B CMR 6 P  ? ? B SMP 13 B CMR 14 1_555 ? ? ? ? ? ? ?            1.595 ? ? 
covale6  covale both ? B CMR 6 "O3'" ? ? ? 1_555 B RMP 7 P  ? ? B CMR 14 B RMP 15 1_555 ? ? ? ? ? ? ?            1.606 ? ? 
hydrog1  hydrog ?    ? A DT  1 N3    ? ? ? 1_555 B RMP 7 N1 ? ? A DT  1  B RMP 15 1_555 ? ? ? ? ? ? WATSON-CRICK ?     ? ? 
hydrog2  hydrog ?    ? A DT  1 O4    ? ? ? 1_555 B RMP 7 N6 ? ? A DT  1  B RMP 15 1_555 ? ? ? ? ? ? WATSON-CRICK ?     ? ? 
hydrog3  hydrog ?    ? A DG  2 N1    ? ? ? 1_555 B CMR 6 N3 ? ? A DG  2  B CMR 14 1_555 ? ? ? ? ? ? WATSON-CRICK ?     ? ? 
hydrog4  hydrog ?    ? A DG  2 N2    ? ? ? 1_555 B CMR 6 O2 ? ? A DG  2  B CMR 14 1_555 ? ? ? ? ? ? WATSON-CRICK ?     ? ? 
hydrog5  hydrog ?    ? A DG  2 O6    ? ? ? 1_555 B CMR 6 N4 ? ? A DG  2  B CMR 14 1_555 ? ? ? ? ? ? WATSON-CRICK ?     ? ? 
hydrog6  hydrog ?    ? A DT  3 N3    ? ? ? 1_555 B SMP 5 N1 ? ? A DT  3  B SMP 13 1_555 ? ? ? ? ? ? WATSON-CRICK ?     ? ? 
hydrog7  hydrog ?    ? A DT  3 O4    ? ? ? 1_555 B SMP 5 N6 ? ? A DT  3  B SMP 13 1_555 ? ? ? ? ? ? WATSON-CRICK ?     ? ? 
hydrog8  hydrog ?    ? A DT  4 N3    ? ? ? 1_555 B RMP 4 N1 ? ? A DT  4  B RMP 12 1_555 ? ? ? ? ? ? WATSON-CRICK ?     ? ? 
hydrog9  hydrog ?    ? A DT  4 O4    ? ? ? 1_555 B RMP 4 N6 ? ? A DT  4  B RMP 12 1_555 ? ? ? ? ? ? WATSON-CRICK ?     ? ? 
hydrog10 hydrog ?    ? A DT  5 N3    ? ? ? 1_555 B RMP 3 N1 ? ? A DT  5  B RMP 11 1_555 ? ? ? ? ? ? WATSON-CRICK ?     ? ? 
hydrog11 hydrog ?    ? A DT  5 O4    ? ? ? 1_555 B RMP 3 N6 ? ? A DT  5  B RMP 11 1_555 ? ? ? ? ? ? WATSON-CRICK ?     ? ? 
hydrog12 hydrog ?    ? A DG  6 N1    ? ? ? 1_555 B CMR 2 N3 ? ? A DG  6  B CMR 10 1_555 ? ? ? ? ? ? WATSON-CRICK ?     ? ? 
hydrog13 hydrog ?    ? A DG  6 N2    ? ? ? 1_555 B CMR 2 O2 ? ? A DG  6  B CMR 10 1_555 ? ? ? ? ? ? WATSON-CRICK ?     ? ? 
hydrog14 hydrog ?    ? A DG  6 O6    ? ? ? 1_555 B CMR 2 N4 ? ? A DG  6  B CMR 10 1_555 ? ? ? ? ? ? WATSON-CRICK ?     ? ? 
hydrog15 hydrog ?    ? A DG  7 N1    ? ? ? 1_555 B DC  1 N3 ? ? A DG  7  B DC  9  1_555 ? ? ? ? ? ? WATSON-CRICK ?     ? ? 
hydrog16 hydrog ?    ? A DG  7 N2    ? ? ? 1_555 B DC  1 O2 ? ? A DG  7  B DC  9  1_555 ? ? ? ? ? ? WATSON-CRICK ?     ? ? 
hydrog17 hydrog ?    ? A DG  7 O6    ? ? ? 1_555 B DC  1 N4 ? ? A DG  7  B DC  9  1_555 ? ? ? ? ? ? WATSON-CRICK ?     ? ? 
# 
loop_
_struct_conn_type.id 
_struct_conn_type.criteria 
_struct_conn_type.reference 
covale ? ? 
hydrog ? ? 
# 
loop_
_pdbx_validate_rmsd_angle.id 
_pdbx_validate_rmsd_angle.PDB_model_num 
_pdbx_validate_rmsd_angle.auth_atom_id_1 
_pdbx_validate_rmsd_angle.auth_asym_id_1 
_pdbx_validate_rmsd_angle.auth_comp_id_1 
_pdbx_validate_rmsd_angle.auth_seq_id_1 
_pdbx_validate_rmsd_angle.PDB_ins_code_1 
_pdbx_validate_rmsd_angle.label_alt_id_1 
_pdbx_validate_rmsd_angle.auth_atom_id_2 
_pdbx_validate_rmsd_angle.auth_asym_id_2 
_pdbx_validate_rmsd_angle.auth_comp_id_2 
_pdbx_validate_rmsd_angle.auth_seq_id_2 
_pdbx_validate_rmsd_angle.PDB_ins_code_2 
_pdbx_validate_rmsd_angle.label_alt_id_2 
_pdbx_validate_rmsd_angle.auth_atom_id_3 
_pdbx_validate_rmsd_angle.auth_asym_id_3 
_pdbx_validate_rmsd_angle.auth_comp_id_3 
_pdbx_validate_rmsd_angle.auth_seq_id_3 
_pdbx_validate_rmsd_angle.PDB_ins_code_3 
_pdbx_validate_rmsd_angle.label_alt_id_3 
_pdbx_validate_rmsd_angle.angle_value 
_pdbx_validate_rmsd_angle.angle_target_value 
_pdbx_validate_rmsd_angle.angle_deviation 
_pdbx_validate_rmsd_angle.angle_standard_deviation 
_pdbx_validate_rmsd_angle.linker_flag 
1  1 "O4'" A DT 1 ? ? "C1'" A DT 1 ? ? N1 A DT 1 ? ? 113.62 108.30 5.32  0.30 N 
2  1 C6    A DT 1 ? ? C5    A DT 1 ? ? C7 A DT 1 ? ? 118.99 122.90 -3.91 0.60 N 
3  1 "O4'" A DG 2 ? ? "C1'" A DG 2 ? ? N9 A DG 2 ? ? 111.61 108.30 3.31  0.30 N 
4  1 "O4'" A DT 4 ? ? "C1'" A DT 4 ? ? N1 A DT 4 ? ? 111.09 108.30 2.79  0.30 N 
5  1 C6    A DT 4 ? ? C5    A DT 4 ? ? C7 A DT 4 ? ? 119.05 122.90 -3.85 0.60 N 
6  1 C6    A DT 5 ? ? C5    A DT 5 ? ? C7 A DT 5 ? ? 118.48 122.90 -4.42 0.60 N 
7  1 "O4'" A DG 6 ? ? "C1'" A DG 6 ? ? N9 A DG 6 ? ? 110.14 108.30 1.84  0.30 N 
8  1 "O4'" A DG 7 ? ? "C1'" A DG 7 ? ? N9 A DG 7 ? ? 111.43 108.30 3.13  0.30 N 
9  1 "O4'" A DC 8 ? ? "C1'" A DC 8 ? ? N1 A DC 8 ? ? 110.25 108.30 1.95  0.30 N 
10 1 "O4'" B DC 9 ? ? "C1'" B DC 9 ? ? N1 B DC 9 ? ? 110.89 108.30 2.59  0.30 N 
# 
_pdbx_validate_planes.id              1 
_pdbx_validate_planes.PDB_model_num   1 
_pdbx_validate_planes.auth_comp_id    DG 
_pdbx_validate_planes.auth_asym_id    A 
_pdbx_validate_planes.auth_seq_id     7 
_pdbx_validate_planes.PDB_ins_code    ? 
_pdbx_validate_planes.label_alt_id    ? 
_pdbx_validate_planes.rmsd            0.057 
_pdbx_validate_planes.type            'SIDE CHAIN' 
# 
loop_
_pdbx_struct_mod_residue.id 
_pdbx_struct_mod_residue.label_asym_id 
_pdbx_struct_mod_residue.label_comp_id 
_pdbx_struct_mod_residue.label_seq_id 
_pdbx_struct_mod_residue.auth_asym_id 
_pdbx_struct_mod_residue.auth_comp_id 
_pdbx_struct_mod_residue.auth_seq_id 
_pdbx_struct_mod_residue.PDB_ins_code 
_pdbx_struct_mod_residue.parent_comp_id 
_pdbx_struct_mod_residue.details 
1 B CMR 2 B CMR 10 ? DC ? 
2 B RMP 3 B RMP 11 ? DA ? 
3 B RMP 4 B RMP 12 ? DA ? 
4 B SMP 5 B SMP 13 ? DA ? 
5 B CMR 6 B CMR 14 ? DC ? 
6 B RMP 7 B RMP 15 ? DA ? 
# 
_pdbx_nmr_ensemble.entry_id                             1K1H 
_pdbx_nmr_ensemble.conformers_calculated_total_number   ? 
_pdbx_nmr_ensemble.conformers_submitted_total_number    1 
_pdbx_nmr_ensemble.conformer_selection_criteria         ? 
# 
_pdbx_nmr_sample_details.solution_id      1 
_pdbx_nmr_sample_details.contents         'DNA, 100 mM NaCl, 10 mM Phosphate, 0.1 mM EDTA' 
_pdbx_nmr_sample_details.solvent_system   'H2O, D2O' 
# 
_pdbx_nmr_exptl_sample_conditions.conditions_id       1 
_pdbx_nmr_exptl_sample_conditions.temperature         298 
_pdbx_nmr_exptl_sample_conditions.pressure            1 
_pdbx_nmr_exptl_sample_conditions.pH                  7.0 
_pdbx_nmr_exptl_sample_conditions.ionic_strength      '100 mM' 
_pdbx_nmr_exptl_sample_conditions.pressure_units      atm 
_pdbx_nmr_exptl_sample_conditions.temperature_units   K 
# 
loop_
_pdbx_nmr_exptl.experiment_id 
_pdbx_nmr_exptl.solution_id 
_pdbx_nmr_exptl.conditions_id 
_pdbx_nmr_exptl.type 
1 1 1 '2D NOESY' 
2 1 1 DQF-COSY   
# 
_pdbx_nmr_refine.entry_id           1K1H 
_pdbx_nmr_refine.method             'molecular dynamics matrix relaxation' 
_pdbx_nmr_refine.details            'No dihedral restraints were used.' 
_pdbx_nmr_refine.software_ordinal   1 
# 
loop_
_pdbx_nmr_software.name 
_pdbx_nmr_software.version 
_pdbx_nmr_software.classification 
_pdbx_nmr_software.authors 
_pdbx_nmr_software.ordinal 
VNMR   5.1 processing                    Varian                          1 
MORASS 2.1 'iterative matrix relaxation' 'Post, Meadows, and Gorenstein' 2 
Amber  5.0 refinement                    UCSF                            3 
# 
loop_
_chem_comp_atom.comp_id 
_chem_comp_atom.atom_id 
_chem_comp_atom.type_symbol 
_chem_comp_atom.pdbx_aromatic_flag 
_chem_comp_atom.pdbx_stereo_config 
_chem_comp_atom.pdbx_ordinal 
CMR P      P N S 1   
CMR CMP    C N N 2   
CMR OP1    O N N 3   
CMR "O5'"  O N N 4   
CMR "C5'"  C N N 5   
CMR "C4'"  C N R 6   
CMR "O4'"  O N N 7   
CMR "C1'"  C N R 8   
CMR N1     N N N 9   
CMR C6     C N N 10  
CMR C5     C N N 11  
CMR C4     C N N 12  
CMR N4     N N N 13  
CMR N3     N N N 14  
CMR C2     C N N 15  
CMR O2     O N N 16  
CMR "C3'"  C N S 17  
CMR "C2'"  C N N 18  
CMR "O3'"  O N N 19  
CMR OP3    O N N 20  
CMR HMP1   H N N 21  
CMR HMP2   H N N 22  
CMR HMP3   H N N 23  
CMR "H5'"  H N N 24  
CMR "H5''" H N N 25  
CMR "H4'"  H N N 26  
CMR "H1'"  H N N 27  
CMR H6     H N N 28  
CMR H5     H N N 29  
CMR H41    H N N 30  
CMR H42    H N N 31  
CMR "H3'"  H N N 32  
CMR "H2'"  H N N 33  
CMR "H2''" H N N 34  
CMR "HO3'" H N N 35  
CMR HOP3   H N N 36  
DC  OP3    O N N 37  
DC  P      P N N 38  
DC  OP1    O N N 39  
DC  OP2    O N N 40  
DC  "O5'"  O N N 41  
DC  "C5'"  C N N 42  
DC  "C4'"  C N R 43  
DC  "O4'"  O N N 44  
DC  "C3'"  C N S 45  
DC  "O3'"  O N N 46  
DC  "C2'"  C N N 47  
DC  "C1'"  C N R 48  
DC  N1     N N N 49  
DC  C2     C N N 50  
DC  O2     O N N 51  
DC  N3     N N N 52  
DC  C4     C N N 53  
DC  N4     N N N 54  
DC  C5     C N N 55  
DC  C6     C N N 56  
DC  HOP3   H N N 57  
DC  HOP2   H N N 58  
DC  "H5'"  H N N 59  
DC  "H5''" H N N 60  
DC  "H4'"  H N N 61  
DC  "H3'"  H N N 62  
DC  "HO3'" H N N 63  
DC  "H2'"  H N N 64  
DC  "H2''" H N N 65  
DC  "H1'"  H N N 66  
DC  H41    H N N 67  
DC  H42    H N N 68  
DC  H5     H N N 69  
DC  H6     H N N 70  
DG  OP3    O N N 71  
DG  P      P N N 72  
DG  OP1    O N N 73  
DG  OP2    O N N 74  
DG  "O5'"  O N N 75  
DG  "C5'"  C N N 76  
DG  "C4'"  C N R 77  
DG  "O4'"  O N N 78  
DG  "C3'"  C N S 79  
DG  "O3'"  O N N 80  
DG  "C2'"  C N N 81  
DG  "C1'"  C N R 82  
DG  N9     N Y N 83  
DG  C8     C Y N 84  
DG  N7     N Y N 85  
DG  C5     C Y N 86  
DG  C6     C N N 87  
DG  O6     O N N 88  
DG  N1     N N N 89  
DG  C2     C N N 90  
DG  N2     N N N 91  
DG  N3     N N N 92  
DG  C4     C Y N 93  
DG  HOP3   H N N 94  
DG  HOP2   H N N 95  
DG  "H5'"  H N N 96  
DG  "H5''" H N N 97  
DG  "H4'"  H N N 98  
DG  "H3'"  H N N 99  
DG  "HO3'" H N N 100 
DG  "H2'"  H N N 101 
DG  "H2''" H N N 102 
DG  "H1'"  H N N 103 
DG  H8     H N N 104 
DG  H1     H N N 105 
DG  H21    H N N 106 
DG  H22    H N N 107 
DT  OP3    O N N 108 
DT  P      P N N 109 
DT  OP1    O N N 110 
DT  OP2    O N N 111 
DT  "O5'"  O N N 112 
DT  "C5'"  C N N 113 
DT  "C4'"  C N R 114 
DT  "O4'"  O N N 115 
DT  "C3'"  C N S 116 
DT  "O3'"  O N N 117 
DT  "C2'"  C N N 118 
DT  "C1'"  C N R 119 
DT  N1     N N N 120 
DT  C2     C N N 121 
DT  O2     O N N 122 
DT  N3     N N N 123 
DT  C4     C N N 124 
DT  O4     O N N 125 
DT  C5     C N N 126 
DT  C7     C N N 127 
DT  C6     C N N 128 
DT  HOP3   H N N 129 
DT  HOP2   H N N 130 
DT  "H5'"  H N N 131 
DT  "H5''" H N N 132 
DT  "H4'"  H N N 133 
DT  "H3'"  H N N 134 
DT  "HO3'" H N N 135 
DT  "H2'"  H N N 136 
DT  "H2''" H N N 137 
DT  "H1'"  H N N 138 
DT  H3     H N N 139 
DT  H71    H N N 140 
DT  H72    H N N 141 
DT  H73    H N N 142 
DT  H6     H N N 143 
RMP P      P N S 144 
RMP CMP    C N N 145 
RMP OP1    O N N 146 
RMP "O5'"  O N N 147 
RMP "C5'"  C N N 148 
RMP "C4'"  C N R 149 
RMP "O4'"  O N N 150 
RMP "C1'"  C N R 151 
RMP N9     N Y N 152 
RMP C8     C Y N 153 
RMP N7     N Y N 154 
RMP C5     C Y N 155 
RMP C6     C Y N 156 
RMP N6     N N N 157 
RMP N1     N Y N 158 
RMP C2     C Y N 159 
RMP N3     N Y N 160 
RMP C4     C Y N 161 
RMP "C3'"  C N S 162 
RMP "C2'"  C N N 163 
RMP "O3'"  O N N 164 
RMP OP3    O N N 165 
RMP HMP1   H N N 166 
RMP HMP2   H N N 167 
RMP HMP3   H N N 168 
RMP "H5'"  H N N 169 
RMP "H5''" H N N 170 
RMP "H4'"  H N N 171 
RMP "H1'"  H N N 172 
RMP H8     H N N 173 
RMP H61    H N N 174 
RMP H62    H N N 175 
RMP H2     H N N 176 
RMP "H3'"  H N N 177 
RMP "H2'"  H N N 178 
RMP "H2''" H N N 179 
RMP "HO3'" H N N 180 
RMP HOP3   H N N 181 
SMP P      P N R 182 
SMP CMP    C N N 183 
SMP OP1    O N N 184 
SMP "O5'"  O N N 185 
SMP "C5'"  C N N 186 
SMP "C4'"  C N R 187 
SMP "O4'"  O N N 188 
SMP "C1'"  C N R 189 
SMP N9     N Y N 190 
SMP C8     C Y N 191 
SMP N7     N Y N 192 
SMP C5     C Y N 193 
SMP C6     C Y N 194 
SMP N6     N N N 195 
SMP N1     N Y N 196 
SMP C2     C Y N 197 
SMP N3     N Y N 198 
SMP C4     C Y N 199 
SMP "C3'"  C N S 200 
SMP "C2'"  C N N 201 
SMP "O3'"  O N N 202 
SMP OP3    O N N 203 
SMP HMP1   H N N 204 
SMP HMP2   H N N 205 
SMP HMP3   H N N 206 
SMP "H5'"  H N N 207 
SMP "H5''" H N N 208 
SMP "H4'"  H N N 209 
SMP "H1'"  H N N 210 
SMP H8     H N N 211 
SMP H61    H N N 212 
SMP H62    H N N 213 
SMP H2     H N N 214 
SMP "H3'"  H N N 215 
SMP "H2'"  H N N 216 
SMP "H2''" H N N 217 
SMP "HO3'" H N N 218 
SMP HOP3   H N N 219 
# 
loop_
_chem_comp_bond.comp_id 
_chem_comp_bond.atom_id_1 
_chem_comp_bond.atom_id_2 
_chem_comp_bond.value_order 
_chem_comp_bond.pdbx_aromatic_flag 
_chem_comp_bond.pdbx_stereo_config 
_chem_comp_bond.pdbx_ordinal 
CMR P     CMP    sing N N 1   
CMR P     OP1    doub N N 2   
CMR P     "O5'"  sing N N 3   
CMR P     OP3    sing N N 4   
CMR CMP   HMP1   sing N N 5   
CMR CMP   HMP2   sing N N 6   
CMR CMP   HMP3   sing N N 7   
CMR "O5'" "C5'"  sing N N 8   
CMR "C5'" "C4'"  sing N N 9   
CMR "C5'" "H5'"  sing N N 10  
CMR "C5'" "H5''" sing N N 11  
CMR "C4'" "O4'"  sing N N 12  
CMR "C4'" "C3'"  sing N N 13  
CMR "C4'" "H4'"  sing N N 14  
CMR "O4'" "C1'"  sing N N 15  
CMR "C1'" N1     sing N N 16  
CMR "C1'" "C2'"  sing N N 17  
CMR "C1'" "H1'"  sing N N 18  
CMR N1    C6     sing N N 19  
CMR N1    C2     sing N N 20  
CMR C6    C5     doub N N 21  
CMR C6    H6     sing N N 22  
CMR C5    C4     sing N N 23  
CMR C5    H5     sing N N 24  
CMR C4    N4     sing N N 25  
CMR C4    N3     doub N N 26  
CMR N4    H41    sing N N 27  
CMR N4    H42    sing N N 28  
CMR N3    C2     sing N N 29  
CMR C2    O2     doub N N 30  
CMR "C3'" "C2'"  sing N N 31  
CMR "C3'" "O3'"  sing N N 32  
CMR "C3'" "H3'"  sing N N 33  
CMR "C2'" "H2'"  sing N N 34  
CMR "C2'" "H2''" sing N N 35  
CMR "O3'" "HO3'" sing N N 36  
CMR OP3   HOP3   sing N N 37  
DC  OP3   P      sing N N 38  
DC  OP3   HOP3   sing N N 39  
DC  P     OP1    doub N N 40  
DC  P     OP2    sing N N 41  
DC  P     "O5'"  sing N N 42  
DC  OP2   HOP2   sing N N 43  
DC  "O5'" "C5'"  sing N N 44  
DC  "C5'" "C4'"  sing N N 45  
DC  "C5'" "H5'"  sing N N 46  
DC  "C5'" "H5''" sing N N 47  
DC  "C4'" "O4'"  sing N N 48  
DC  "C4'" "C3'"  sing N N 49  
DC  "C4'" "H4'"  sing N N 50  
DC  "O4'" "C1'"  sing N N 51  
DC  "C3'" "O3'"  sing N N 52  
DC  "C3'" "C2'"  sing N N 53  
DC  "C3'" "H3'"  sing N N 54  
DC  "O3'" "HO3'" sing N N 55  
DC  "C2'" "C1'"  sing N N 56  
DC  "C2'" "H2'"  sing N N 57  
DC  "C2'" "H2''" sing N N 58  
DC  "C1'" N1     sing N N 59  
DC  "C1'" "H1'"  sing N N 60  
DC  N1    C2     sing N N 61  
DC  N1    C6     sing N N 62  
DC  C2    O2     doub N N 63  
DC  C2    N3     sing N N 64  
DC  N3    C4     doub N N 65  
DC  C4    N4     sing N N 66  
DC  C4    C5     sing N N 67  
DC  N4    H41    sing N N 68  
DC  N4    H42    sing N N 69  
DC  C5    C6     doub N N 70  
DC  C5    H5     sing N N 71  
DC  C6    H6     sing N N 72  
DG  OP3   P      sing N N 73  
DG  OP3   HOP3   sing N N 74  
DG  P     OP1    doub N N 75  
DG  P     OP2    sing N N 76  
DG  P     "O5'"  sing N N 77  
DG  OP2   HOP2   sing N N 78  
DG  "O5'" "C5'"  sing N N 79  
DG  "C5'" "C4'"  sing N N 80  
DG  "C5'" "H5'"  sing N N 81  
DG  "C5'" "H5''" sing N N 82  
DG  "C4'" "O4'"  sing N N 83  
DG  "C4'" "C3'"  sing N N 84  
DG  "C4'" "H4'"  sing N N 85  
DG  "O4'" "C1'"  sing N N 86  
DG  "C3'" "O3'"  sing N N 87  
DG  "C3'" "C2'"  sing N N 88  
DG  "C3'" "H3'"  sing N N 89  
DG  "O3'" "HO3'" sing N N 90  
DG  "C2'" "C1'"  sing N N 91  
DG  "C2'" "H2'"  sing N N 92  
DG  "C2'" "H2''" sing N N 93  
DG  "C1'" N9     sing N N 94  
DG  "C1'" "H1'"  sing N N 95  
DG  N9    C8     sing Y N 96  
DG  N9    C4     sing Y N 97  
DG  C8    N7     doub Y N 98  
DG  C8    H8     sing N N 99  
DG  N7    C5     sing Y N 100 
DG  C5    C6     sing N N 101 
DG  C5    C4     doub Y N 102 
DG  C6    O6     doub N N 103 
DG  C6    N1     sing N N 104 
DG  N1    C2     sing N N 105 
DG  N1    H1     sing N N 106 
DG  C2    N2     sing N N 107 
DG  C2    N3     doub N N 108 
DG  N2    H21    sing N N 109 
DG  N2    H22    sing N N 110 
DG  N3    C4     sing N N 111 
DT  OP3   P      sing N N 112 
DT  OP3   HOP3   sing N N 113 
DT  P     OP1    doub N N 114 
DT  P     OP2    sing N N 115 
DT  P     "O5'"  sing N N 116 
DT  OP2   HOP2   sing N N 117 
DT  "O5'" "C5'"  sing N N 118 
DT  "C5'" "C4'"  sing N N 119 
DT  "C5'" "H5'"  sing N N 120 
DT  "C5'" "H5''" sing N N 121 
DT  "C4'" "O4'"  sing N N 122 
DT  "C4'" "C3'"  sing N N 123 
DT  "C4'" "H4'"  sing N N 124 
DT  "O4'" "C1'"  sing N N 125 
DT  "C3'" "O3'"  sing N N 126 
DT  "C3'" "C2'"  sing N N 127 
DT  "C3'" "H3'"  sing N N 128 
DT  "O3'" "HO3'" sing N N 129 
DT  "C2'" "C1'"  sing N N 130 
DT  "C2'" "H2'"  sing N N 131 
DT  "C2'" "H2''" sing N N 132 
DT  "C1'" N1     sing N N 133 
DT  "C1'" "H1'"  sing N N 134 
DT  N1    C2     sing N N 135 
DT  N1    C6     sing N N 136 
DT  C2    O2     doub N N 137 
DT  C2    N3     sing N N 138 
DT  N3    C4     sing N N 139 
DT  N3    H3     sing N N 140 
DT  C4    O4     doub N N 141 
DT  C4    C5     sing N N 142 
DT  C5    C7     sing N N 143 
DT  C5    C6     doub N N 144 
DT  C7    H71    sing N N 145 
DT  C7    H72    sing N N 146 
DT  C7    H73    sing N N 147 
DT  C6    H6     sing N N 148 
RMP P     CMP    sing N N 149 
RMP P     OP1    doub N N 150 
RMP P     "O5'"  sing N N 151 
RMP P     OP3    sing N N 152 
RMP CMP   HMP1   sing N N 153 
RMP CMP   HMP2   sing N N 154 
RMP CMP   HMP3   sing N N 155 
RMP "O5'" "C5'"  sing N N 156 
RMP "C5'" "C4'"  sing N N 157 
RMP "C5'" "H5'"  sing N N 158 
RMP "C5'" "H5''" sing N N 159 
RMP "C4'" "O4'"  sing N N 160 
RMP "C4'" "C3'"  sing N N 161 
RMP "C4'" "H4'"  sing N N 162 
RMP "O4'" "C1'"  sing N N 163 
RMP "C1'" N9     sing N N 164 
RMP "C1'" "C2'"  sing N N 165 
RMP "C1'" "H1'"  sing N N 166 
RMP N9    C8     sing Y N 167 
RMP N9    C4     sing Y N 168 
RMP C8    N7     doub Y N 169 
RMP C8    H8     sing N N 170 
RMP N7    C5     sing Y N 171 
RMP C5    C6     doub Y N 172 
RMP C5    C4     sing Y N 173 
RMP C6    N6     sing N N 174 
RMP C6    N1     sing Y N 175 
RMP N6    H61    sing N N 176 
RMP N6    H62    sing N N 177 
RMP N1    C2     doub Y N 178 
RMP C2    N3     sing Y N 179 
RMP C2    H2     sing N N 180 
RMP N3    C4     doub Y N 181 
RMP "C3'" "C2'"  sing N N 182 
RMP "C3'" "O3'"  sing N N 183 
RMP "C3'" "H3'"  sing N N 184 
RMP "C2'" "H2'"  sing N N 185 
RMP "C2'" "H2''" sing N N 186 
RMP "O3'" "HO3'" sing N N 187 
RMP OP3   HOP3   sing N N 188 
SMP P     CMP    sing N N 189 
SMP P     OP1    doub N N 190 
SMP P     "O5'"  sing N N 191 
SMP P     OP3    sing N N 192 
SMP CMP   HMP1   sing N N 193 
SMP CMP   HMP2   sing N N 194 
SMP CMP   HMP3   sing N N 195 
SMP "O5'" "C5'"  sing N N 196 
SMP "C5'" "C4'"  sing N N 197 
SMP "C5'" "H5'"  sing N N 198 
SMP "C5'" "H5''" sing N N 199 
SMP "C4'" "O4'"  sing N N 200 
SMP "C4'" "C3'"  sing N N 201 
SMP "C4'" "H4'"  sing N N 202 
SMP "O4'" "C1'"  sing N N 203 
SMP "C1'" N9     sing N N 204 
SMP "C1'" "C2'"  sing N N 205 
SMP "C1'" "H1'"  sing N N 206 
SMP N9    C8     sing Y N 207 
SMP N9    C4     sing Y N 208 
SMP C8    N7     doub Y N 209 
SMP C8    H8     sing N N 210 
SMP N7    C5     sing Y N 211 
SMP C5    C6     doub Y N 212 
SMP C5    C4     sing Y N 213 
SMP C6    N6     sing N N 214 
SMP C6    N1     sing Y N 215 
SMP N6    H61    sing N N 216 
SMP N6    H62    sing N N 217 
SMP N1    C2     doub Y N 218 
SMP C2    N3     sing Y N 219 
SMP C2    H2     sing N N 220 
SMP N3    C4     doub Y N 221 
SMP "C3'" "C2'"  sing N N 222 
SMP "C3'" "O3'"  sing N N 223 
SMP "C3'" "H3'"  sing N N 224 
SMP "C2'" "H2'"  sing N N 225 
SMP "C2'" "H2''" sing N N 226 
SMP "O3'" "HO3'" sing N N 227 
SMP OP3   HOP3   sing N N 228 
# 
loop_
_ndb_struct_conf_na.entry_id 
_ndb_struct_conf_na.feature 
1K1H 'double helix'        
1K1H 'b-form double helix' 
# 
loop_
_ndb_struct_na_base_pair.model_number 
_ndb_struct_na_base_pair.i_label_asym_id 
_ndb_struct_na_base_pair.i_label_comp_id 
_ndb_struct_na_base_pair.i_label_seq_id 
_ndb_struct_na_base_pair.i_symmetry 
_ndb_struct_na_base_pair.j_label_asym_id 
_ndb_struct_na_base_pair.j_label_comp_id 
_ndb_struct_na_base_pair.j_label_seq_id 
_ndb_struct_na_base_pair.j_symmetry 
_ndb_struct_na_base_pair.shear 
_ndb_struct_na_base_pair.stretch 
_ndb_struct_na_base_pair.stagger 
_ndb_struct_na_base_pair.buckle 
_ndb_struct_na_base_pair.propeller 
_ndb_struct_na_base_pair.opening 
_ndb_struct_na_base_pair.pair_number 
_ndb_struct_na_base_pair.pair_name 
_ndb_struct_na_base_pair.i_auth_asym_id 
_ndb_struct_na_base_pair.i_auth_seq_id 
_ndb_struct_na_base_pair.i_PDB_ins_code 
_ndb_struct_na_base_pair.j_auth_asym_id 
_ndb_struct_na_base_pair.j_auth_seq_id 
_ndb_struct_na_base_pair.j_PDB_ins_code 
_ndb_struct_na_base_pair.hbond_type_28 
_ndb_struct_na_base_pair.hbond_type_12 
1 A DT 1 1_555 B RMP 7 1_555 -0.183 0.016  0.149  5.591  3.044   -3.969 1 A_DT1:RMP15_B A 1 ? B 15 ? 20 1 
1 A DG 2 1_555 B CMR 6 1_555 -0.349 0.045  0.525  21.287 -6.556  1.784  2 A_DG2:CMR14_B A 2 ? B 14 ? 19 1 
1 A DT 3 1_555 B SMP 5 1_555 -0.439 -0.032 -0.197 13.941 -19.731 -4.124 3 A_DT3:SMP13_B A 3 ? B 13 ? 20 1 
1 A DT 4 1_555 B RMP 4 1_555 -0.160 0.002  0.080  6.252  -14.813 -2.576 4 A_DT4:RMP12_B A 4 ? B 12 ? 20 1 
1 A DT 5 1_555 B RMP 3 1_555 0.084  -0.078 0.246  -4.979 -17.556 1.686  5 A_DT5:RMP11_B A 5 ? B 11 ? 20 1 
1 A DG 6 1_555 B CMR 2 1_555 0.267  -0.056 0.307  2.454  -1.748  -2.247 6 A_DG6:CMR10_B A 6 ? B 10 ? 19 1 
1 A DG 7 1_555 B DC  1 1_555 0.257  -0.032 0.547  14.552 -3.928  -1.316 7 A_DG7:DC9_B   A 7 ? B 9  ? 19 1 
# 
loop_
_ndb_struct_na_base_pair_step.model_number 
_ndb_struct_na_base_pair_step.i_label_asym_id_1 
_ndb_struct_na_base_pair_step.i_label_comp_id_1 
_ndb_struct_na_base_pair_step.i_label_seq_id_1 
_ndb_struct_na_base_pair_step.i_symmetry_1 
_ndb_struct_na_base_pair_step.j_label_asym_id_1 
_ndb_struct_na_base_pair_step.j_label_comp_id_1 
_ndb_struct_na_base_pair_step.j_label_seq_id_1 
_ndb_struct_na_base_pair_step.j_symmetry_1 
_ndb_struct_na_base_pair_step.i_label_asym_id_2 
_ndb_struct_na_base_pair_step.i_label_comp_id_2 
_ndb_struct_na_base_pair_step.i_label_seq_id_2 
_ndb_struct_na_base_pair_step.i_symmetry_2 
_ndb_struct_na_base_pair_step.j_label_asym_id_2 
_ndb_struct_na_base_pair_step.j_label_comp_id_2 
_ndb_struct_na_base_pair_step.j_label_seq_id_2 
_ndb_struct_na_base_pair_step.j_symmetry_2 
_ndb_struct_na_base_pair_step.shift 
_ndb_struct_na_base_pair_step.slide 
_ndb_struct_na_base_pair_step.rise 
_ndb_struct_na_base_pair_step.tilt 
_ndb_struct_na_base_pair_step.roll 
_ndb_struct_na_base_pair_step.twist 
_ndb_struct_na_base_pair_step.x_displacement 
_ndb_struct_na_base_pair_step.y_displacement 
_ndb_struct_na_base_pair_step.helical_rise 
_ndb_struct_na_base_pair_step.inclination 
_ndb_struct_na_base_pair_step.tip 
_ndb_struct_na_base_pair_step.helical_twist 
_ndb_struct_na_base_pair_step.step_number 
_ndb_struct_na_base_pair_step.step_name 
_ndb_struct_na_base_pair_step.i_auth_asym_id_1 
_ndb_struct_na_base_pair_step.i_auth_seq_id_1 
_ndb_struct_na_base_pair_step.i_PDB_ins_code_1 
_ndb_struct_na_base_pair_step.j_auth_asym_id_1 
_ndb_struct_na_base_pair_step.j_auth_seq_id_1 
_ndb_struct_na_base_pair_step.j_PDB_ins_code_1 
_ndb_struct_na_base_pair_step.i_auth_asym_id_2 
_ndb_struct_na_base_pair_step.i_auth_seq_id_2 
_ndb_struct_na_base_pair_step.i_PDB_ins_code_2 
_ndb_struct_na_base_pair_step.j_auth_asym_id_2 
_ndb_struct_na_base_pair_step.j_auth_seq_id_2 
_ndb_struct_na_base_pair_step.j_PDB_ins_code_2 
1 A DT 1 1_555 B RMP 7 1_555 A DG 2 1_555 B CMR 6 1_555 0.448  -0.493 3.109 0.872  -0.893 36.098 -0.675 -0.606 3.129 -1.441 -1.406 
36.119 1 AA_DT1DG2:CMR14RMP15_BB A 1 ? B 15 ? A 2 ? B 14 ? 
1 A DG 2 1_555 B CMR 6 1_555 A DT 3 1_555 B SMP 5 1_555 -0.441 -1.035 3.502 3.268  -2.121 35.723 -1.352 1.215  3.503 -3.445 -5.308 
35.928 2 AA_DG2DT3:SMP13CMR14_BB A 2 ? B 14 ? A 3 ? B 13 ? 
1 A DT 3 1_555 B SMP 5 1_555 A DT 4 1_555 B RMP 4 1_555 0.736  -1.252 3.569 -2.481 -2.678 31.637 -1.745 -1.840 3.593 -4.892 4.531  
31.842 3 AA_DT3DT4:RMP12SMP13_BB A 3 ? B 13 ? A 4 ? B 12 ? 
1 A DT 4 1_555 B RMP 4 1_555 A DT 5 1_555 B RMP 3 1_555 0.661  -1.230 3.551 1.657  -0.890 35.680 -1.864 -0.815 3.606 -1.452 -2.702 
35.728 4 AA_DT4DT5:RMP11RMP12_BB A 4 ? B 12 ? A 5 ? B 11 ? 
1 A DT 5 1_555 B RMP 3 1_555 A DG 6 1_555 B CMR 2 1_555 -0.676 -0.656 3.081 -1.960 3.705  32.506 -1.760 0.881  3.024 6.585  3.484  
32.768 5 AA_DT5DG6:CMR10RMP11_BB A 5 ? B 11 ? A 6 ? B 10 ? 
1 A DG 6 1_555 B CMR 2 1_555 A DG 7 1_555 B DC  1 1_555 0.368  -0.469 3.100 -1.275 -0.980 34.382 -0.648 -0.810 3.096 -1.656 2.156  
34.418 6 AA_DG6DG7:DC9CMR10_BB   A 6 ? B 10 ? A 7 ? B 9  ? 
# 
loop_
_pdbx_nmr_spectrometer.spectrometer_id 
_pdbx_nmr_spectrometer.type 
_pdbx_nmr_spectrometer.manufacturer 
_pdbx_nmr_spectrometer.model 
_pdbx_nmr_spectrometer.field_strength 
1 ? Varian UNITYPLUS 750 
2 ? Varian UNITYPLUS 600 
3 ? Varian UNITYPLUS 400 
# 
_atom_sites.entry_id                    1K1H 
_atom_sites.fract_transf_matrix[1][1]   1.000000 
_atom_sites.fract_transf_matrix[1][2]   0.000000 
_atom_sites.fract_transf_matrix[1][3]   0.000000 
_atom_sites.fract_transf_matrix[2][1]   0.000000 
_atom_sites.fract_transf_matrix[2][2]   1.000000 
_atom_sites.fract_transf_matrix[2][3]   0.000000 
_atom_sites.fract_transf_matrix[3][1]   0.000000 
_atom_sites.fract_transf_matrix[3][2]   0.000000 
_atom_sites.fract_transf_matrix[3][3]   1.000000 
_atom_sites.fract_transf_vector[1]      0.00000 
_atom_sites.fract_transf_vector[2]      0.00000 
_atom_sites.fract_transf_vector[3]      0.00000 
# 
loop_
_atom_type.symbol 
C 
H 
N 
O 
P 
# 
loop_
_atom_site.group_PDB 
_atom_site.id 
_atom_site.type_symbol 
_atom_site.label_atom_id 
_atom_site.label_alt_id 
_atom_site.label_comp_id 
_atom_site.label_asym_id 
_atom_site.label_entity_id 
_atom_site.label_seq_id 
_atom_site.pdbx_PDB_ins_code 
_atom_site.Cartn_x 
_atom_site.Cartn_y 
_atom_site.Cartn_z 
_atom_site.occupancy 
_atom_site.B_iso_or_equiv 
_atom_site.pdbx_formal_charge 
_atom_site.auth_seq_id 
_atom_site.auth_comp_id 
_atom_site.auth_asym_id 
_atom_site.auth_atom_id 
_atom_site.pdbx_PDB_model_num 
ATOM   1   O "O5'"  . DT  A 1 1 ? 11.635  -11.092 5.704   1.00 10.00 ? 1  DT  A "O5'"  1 
ATOM   2   C "C5'"  . DT  A 1 1 ? 10.408  -10.459 5.643   1.00 10.00 ? 1  DT  A "C5'"  1 
ATOM   3   C "C4'"  . DT  A 1 1 ? 10.496  -8.965  5.839   1.00 10.00 ? 1  DT  A "C4'"  1 
ATOM   4   O "O4'"  . DT  A 1 1 ? 11.182  -8.374  4.779   1.00 10.00 ? 1  DT  A "O4'"  1 
ATOM   5   C "C3'"  . DT  A 1 1 ? 9.142   -8.323  5.882   1.00 10.00 ? 1  DT  A "C3'"  1 
ATOM   6   O "O3'"  . DT  A 1 1 ? 8.586   -8.416  7.184   1.00 10.00 ? 1  DT  A "O3'"  1 
ATOM   7   C "C2'"  . DT  A 1 1 ? 9.479   -6.919  5.420   1.00 10.00 ? 1  DT  A "C2'"  1 
ATOM   8   C "C1'"  . DT  A 1 1 ? 10.880  -6.991  4.850   1.00 10.00 ? 1  DT  A "C1'"  1 
ATOM   9   N N1     . DT  A 1 1 ? 10.937  -6.300  3.532   1.00 10.00 ? 1  DT  A N1     1 
ATOM   10  C C2     . DT  A 1 1 ? 11.124  -4.922  3.482   1.00 10.00 ? 1  DT  A C2     1 
ATOM   11  O O2     . DT  A 1 1 ? 11.215  -4.259  4.497   1.00 10.00 ? 1  DT  A O2     1 
ATOM   12  N N3     . DT  A 1 1 ? 11.125  -4.331  2.238   1.00 10.00 ? 1  DT  A N3     1 
ATOM   13  C C4     . DT  A 1 1 ? 10.928  -4.974  1.054   1.00 10.00 ? 1  DT  A C4     1 
ATOM   14  O O4     . DT  A 1 1 ? 10.916  -4.315  0.029   1.00 10.00 ? 1  DT  A O4     1 
ATOM   15  C C5     . DT  A 1 1 ? 10.734  -6.413  1.169   1.00 10.00 ? 1  DT  A C5     1 
ATOM   16  C C7     . DT  A 1 1 ? 10.527  -7.252  -0.059  1.00 10.00 ? 1  DT  A C7     1 
ATOM   17  C C6     . DT  A 1 1 ? 10.749  -7.015  2.379   1.00 10.00 ? 1  DT  A C6     1 
ATOM   18  H "H5'"  . DT  A 1 1 ? 9.773   -10.852 6.397   1.00 10.00 ? 1  DT  A "H5'"  1 
ATOM   19  H "H5''" . DT  A 1 1 ? 9.976   -10.666 4.701   1.00 10.00 ? 1  DT  A "H5''" 1 
ATOM   20  H "H4'"  . DT  A 1 1 ? 10.955  -8.714  6.758   1.00 10.00 ? 1  DT  A "H4'"  1 
ATOM   21  H "H3'"  . DT  A 1 1 ? 8.467   -8.752  5.140   1.00 10.00 ? 1  DT  A "H3'"  1 
ATOM   22  H "H2'"  . DT  A 1 1 ? 8.793   -6.617  4.662   1.00 10.00 ? 1  DT  A "H2'"  1 
ATOM   23  H "H2''" . DT  A 1 1 ? 9.472   -6.217  6.238   1.00 10.00 ? 1  DT  A "H2''" 1 
ATOM   24  H "H1'"  . DT  A 1 1 ? 11.584  -6.507  5.506   1.00 10.00 ? 1  DT  A "H1'"  1 
ATOM   25  H H3     . DT  A 1 1 ? 11.221  -3.333  2.196   1.00 10.00 ? 1  DT  A H3     1 
ATOM   26  H H71    . DT  A 1 1 ? 10.656  -7.741  -0.230  1.00 10.00 ? 1  DT  A H71    1 
ATOM   27  H H72    . DT  A 1 1 ? 10.176  -7.451  -0.387  1.00 10.00 ? 1  DT  A H72    1 
ATOM   28  H H73    . DT  A 1 1 ? 10.674  -7.201  -0.456  1.00 10.00 ? 1  DT  A H73    1 
ATOM   29  H H6     . DT  A 1 1 ? 10.591  -8.067  2.441   1.00 10.00 ? 1  DT  A H6     1 
ATOM   30  H "HO5'" . DT  A 1 1 ? 12.230  -10.653 5.126   1.00 10.00 ? 1  DT  A "HO5'" 1 
ATOM   31  P P      . DG  A 1 2 ? 7.101   -7.973  7.537   1.00 10.00 ? 2  DG  A P      1 
ATOM   32  O OP1    . DG  A 1 2 ? 6.675   -8.717  8.725   1.00 10.00 ? 2  DG  A OP1    1 
ATOM   33  O OP2    . DG  A 1 2 ? 6.273   -8.103  6.334   1.00 10.00 ? 2  DG  A OP2    1 
ATOM   34  O "O5'"  . DG  A 1 2 ? 7.220   -6.434  7.880   1.00 10.00 ? 2  DG  A "O5'"  1 
ATOM   35  C "C5'"  . DG  A 1 2 ? 8.010   -5.975  8.952   1.00 10.00 ? 2  DG  A "C5'"  1 
ATOM   36  C "C4'"  . DG  A 1 2 ? 8.143   -4.446  8.957   1.00 10.00 ? 2  DG  A "C4'"  1 
ATOM   37  O "O4'"  . DG  A 1 2 ? 8.661   -3.939  7.734   1.00 10.00 ? 2  DG  A "O4'"  1 
ATOM   38  C "C3'"  . DG  A 1 2 ? 6.785   -3.800  9.209   1.00 10.00 ? 2  DG  A "C3'"  1 
ATOM   39  O "O3'"  . DG  A 1 2 ? 6.935   -2.734  10.115  1.00 10.00 ? 2  DG  A "O3'"  1 
ATOM   40  C "C2'"  . DG  A 1 2 ? 6.374   -3.397  7.814   1.00 10.00 ? 2  DG  A "C2'"  1 
ATOM   41  C "C1'"  . DG  A 1 2 ? 7.697   -3.118  7.116   1.00 10.00 ? 2  DG  A "C1'"  1 
ATOM   42  N N9     . DG  A 1 2 ? 7.595   -3.393  5.671   1.00 10.00 ? 2  DG  A N9     1 
ATOM   43  C C8     . DG  A 1 2 ? 7.198   -4.560  5.072   1.00 10.00 ? 2  DG  A C8     1 
ATOM   44  N N7     . DG  A 1 2 ? 7.231   -4.531  3.772   1.00 10.00 ? 2  DG  A N7     1 
ATOM   45  C C5     . DG  A 1 2 ? 7.635   -3.235  3.487   1.00 10.00 ? 2  DG  A C5     1 
ATOM   46  C C6     . DG  A 1 2 ? 7.780   -2.575  2.231   1.00 10.00 ? 2  DG  A C6     1 
ATOM   47  O O6     . DG  A 1 2 ? 7.625   -3.045  1.110   1.00 10.00 ? 2  DG  A O6     1 
ATOM   48  N N1     . DG  A 1 2 ? 8.119   -1.248  2.358   1.00 10.00 ? 2  DG  A N1     1 
ATOM   49  C C2     . DG  A 1 2 ? 8.356   -0.629  3.560   1.00 10.00 ? 2  DG  A C2     1 
ATOM   50  N N2     . DG  A 1 2 ? 8.660   0.643   3.545   1.00 10.00 ? 2  DG  A N2     1 
ATOM   51  N N3     . DG  A 1 2 ? 8.248   -1.227  4.744   1.00 10.00 ? 2  DG  A N3     1 
ATOM   52  C C4     . DG  A 1 2 ? 7.870   -2.531  4.639   1.00 10.00 ? 2  DG  A C4     1 
ATOM   53  H "H5'"  . DG  A 1 2 ? 9.001   -6.409  8.868   1.00 10.00 ? 2  DG  A "H5'"  1 
ATOM   54  H "H5''" . DG  A 1 2 ? 7.588   -6.299  9.875   1.00 10.00 ? 2  DG  A "H5''" 1 
ATOM   55  H "H4'"  . DG  A 1 2 ? 8.821   -4.181  9.753   1.00 10.00 ? 2  DG  A "H4'"  1 
ATOM   56  H "H3'"  . DG  A 1 2 ? 6.070   -4.524  9.601   1.00 10.00 ? 2  DG  A "H3'"  1 
ATOM   57  H "H2'"  . DG  A 1 2 ? 5.850   -4.210  7.356   1.00 10.00 ? 2  DG  A "H2'"  1 
ATOM   58  H "H2''" . DG  A 1 2 ? 5.724   -2.543  7.831   1.00 10.00 ? 2  DG  A "H2''" 1 
ATOM   59  H "H1'"  . DG  A 1 2 ? 7.948   -2.063  7.273   1.00 10.00 ? 2  DG  A "H1'"  1 
ATOM   60  H H8     . DG  A 1 2 ? 6.921   -5.422  5.644   1.00 10.00 ? 2  DG  A H8     1 
ATOM   61  H H1     . DG  A 1 2 ? 8.218   -0.723  1.494   1.00 10.00 ? 2  DG  A H1     1 
ATOM   62  H H21    . DG  A 1 2 ? 8.676   1.143   2.671   1.00 10.00 ? 2  DG  A H21    1 
ATOM   63  H H22    . DG  A 1 2 ? 8.889   1.100   4.410   1.00 10.00 ? 2  DG  A H22    1 
ATOM   64  P P      . DT  A 1 3 ? 5.769   -1.790  10.644  1.00 10.00 ? 3  DT  A P      1 
ATOM   65  O OP1    . DT  A 1 3 ? 6.152   -1.363  11.985  1.00 10.00 ? 3  DT  A OP1    1 
ATOM   66  O OP2    . DT  A 1 3 ? 4.475   -2.455  10.487  1.00 10.00 ? 3  DT  A OP2    1 
ATOM   67  O "O5'"  . DT  A 1 3 ? 5.791   -0.536  9.675   1.00 10.00 ? 3  DT  A "O5'"  1 
ATOM   68  C "C5'"  . DT  A 1 3 ? 6.878   0.352   9.636   1.00 10.00 ? 3  DT  A "C5'"  1 
ATOM   69  C "C4'"  . DT  A 1 3 ? 6.681   1.491   8.641   1.00 10.00 ? 3  DT  A "C4'"  1 
ATOM   70  O "O4'"  . DT  A 1 3 ? 6.699   1.005   7.317   1.00 10.00 ? 3  DT  A "O4'"  1 
ATOM   71  C "C3'"  . DT  A 1 3 ? 5.344   2.200   8.865   1.00 10.00 ? 3  DT  A "C3'"  1 
ATOM   72  O "O3'"  . DT  A 1 3 ? 5.578   3.592   8.952   1.00 10.00 ? 3  DT  A "O3'"  1 
ATOM   73  C "C2'"  . DT  A 1 3 ? 4.530   1.750   7.654   1.00 10.00 ? 3  DT  A "C2'"  1 
ATOM   74  C "C1'"  . DT  A 1 3 ? 5.616   1.548   6.613   1.00 10.00 ? 3  DT  A "C1'"  1 
ATOM   75  N N1     . DT  A 1 3 ? 5.237   0.587   5.551   1.00 10.00 ? 3  DT  A N1     1 
ATOM   76  C C2     . DT  A 1 3 ? 5.335   0.961   4.213   1.00 10.00 ? 3  DT  A C2     1 
ATOM   77  O O2     . DT  A 1 3 ? 5.741   2.054   3.847   1.00 10.00 ? 3  DT  A O2     1 
ATOM   78  N N3     . DT  A 1 3 ? 5.013   0.000   3.290   1.00 10.00 ? 3  DT  A N3     1 
ATOM   79  C C4     . DT  A 1 3 ? 4.554   -1.274  3.562   1.00 10.00 ? 3  DT  A C4     1 
ATOM   80  O O4     . DT  A 1 3 ? 4.317   -2.047  2.660   1.00 10.00 ? 3  DT  A O4     1 
ATOM   81  C C5     . DT  A 1 3 ? 4.369   -1.552  4.967   1.00 10.00 ? 3  DT  A C5     1 
ATOM   82  C C7     . DT  A 1 3 ? 3.774   -2.862  5.396   1.00 10.00 ? 3  DT  A C7     1 
ATOM   83  C C6     . DT  A 1 3 ? 4.727   -0.635  5.899   1.00 10.00 ? 3  DT  A C6     1 
ATOM   84  H "H5'"  . DT  A 1 3 ? 7.777   -0.200  9.371   1.00 10.00 ? 3  DT  A "H5'"  1 
ATOM   85  H "H5''" . DT  A 1 3 ? 7.009   0.781   10.613  1.00 10.00 ? 3  DT  A "H5''" 1 
ATOM   86  H "H4'"  . DT  A 1 3 ? 7.484   2.181   8.765   1.00 10.00 ? 3  DT  A "H4'"  1 
ATOM   87  H "H3'"  . DT  A 1 3 ? 4.846   1.836   9.747   1.00 10.00 ? 3  DT  A "H3'"  1 
ATOM   88  H "H2'"  . DT  A 1 3 ? 4.025   0.842   7.935   1.00 10.00 ? 3  DT  A "H2'"  1 
ATOM   89  H "H2''" . DT  A 1 3 ? 3.807   2.457   7.315   1.00 10.00 ? 3  DT  A "H2''" 1 
ATOM   90  H "H1'"  . DT  A 1 3 ? 5.875   2.528   6.195   1.00 10.00 ? 3  DT  A "H1'"  1 
ATOM   91  H H3     . DT  A 1 3 ? 5.128   0.220   2.328   1.00 10.00 ? 3  DT  A H3     1 
ATOM   92  H H71    . DT  A 1 3 ? 3.643   -2.925  6.443   1.00 10.00 ? 3  DT  A H71    1 
ATOM   93  H H72    . DT  A 1 3 ? 2.826   -3.005  4.934   1.00 10.00 ? 3  DT  A H72    1 
ATOM   94  H H73    . DT  A 1 3 ? 4.397   -3.652  5.086   1.00 10.00 ? 3  DT  A H73    1 
ATOM   95  H H6     . DT  A 1 3 ? 4.621   -0.853  6.944   1.00 10.00 ? 3  DT  A H6     1 
ATOM   96  P P      . DT  A 1 4 ? 4.441   4.650   9.286   1.00 10.00 ? 4  DT  A P      1 
ATOM   97  O OP1    . DT  A 1 4 ? 5.095   5.914   9.673   1.00 10.00 ? 4  DT  A OP1    1 
ATOM   98  O OP2    . DT  A 1 4 ? 3.454   4.069   10.203  1.00 10.00 ? 4  DT  A OP2    1 
ATOM   99  O "O5'"  . DT  A 1 4 ? 3.741   4.865   7.893   1.00 10.00 ? 4  DT  A "O5'"  1 
ATOM   100 C "C5'"  . DT  A 1 4 ? 4.501   5.333   6.790   1.00 10.00 ? 4  DT  A "C5'"  1 
ATOM   101 C "C4'"  . DT  A 1 4 ? 3.679   5.317   5.503   1.00 10.00 ? 4  DT  A "C4'"  1 
ATOM   102 O "O4'"  . DT  A 1 4 ? 3.605   4.029   4.962   1.00 10.00 ? 4  DT  A "O4'"  1 
ATOM   103 C "C3'"  . DT  A 1 4 ? 2.247   5.833   5.577   1.00 10.00 ? 4  DT  A "C3'"  1 
ATOM   104 O "O3'"  . DT  A 1 4 ? 2.233   7.070   4.895   1.00 10.00 ? 4  DT  A "O3'"  1 
ATOM   105 C "C2'"  . DT  A 1 4 ? 1.461   4.727   4.884   1.00 10.00 ? 4  DT  A "C2'"  1 
ATOM   106 C "C1'"  . DT  A 1 4 ? 2.525   4.007   4.076   1.00 10.00 ? 4  DT  A "C1'"  1 
ATOM   107 N N1     . DT  A 1 4 ? 2.146   2.615   3.731   1.00 10.00 ? 4  DT  A N1     1 
ATOM   108 C C2     . DT  A 1 4 ? 1.996   2.243   2.398   1.00 10.00 ? 4  DT  A C2     1 
ATOM   109 O O2     . DT  A 1 4 ? 2.214   2.985   1.453   1.00 10.00 ? 4  DT  A O2     1 
ATOM   110 N N3     . DT  A 1 4 ? 1.585   0.947   2.168   1.00 10.00 ? 4  DT  A N3     1 
ATOM   111 C C4     . DT  A 1 4 ? 1.261   0.020   3.120   1.00 10.00 ? 4  DT  A C4     1 
ATOM   112 O O4     . DT  A 1 4 ? 0.870   -1.084  2.768   1.00 10.00 ? 4  DT  A O4     1 
ATOM   113 C C5     . DT  A 1 4 ? 1.434   0.475   4.488   1.00 10.00 ? 4  DT  A C5     1 
ATOM   114 C C7     . DT  A 1 4 ? 1.056   -0.415  5.648   1.00 10.00 ? 4  DT  A C7     1 
ATOM   115 C C6     . DT  A 1 4 ? 1.893   1.722   4.740   1.00 10.00 ? 4  DT  A C6     1 
ATOM   116 H "H5'"  . DT  A 1 4 ? 5.381   4.717   6.644   1.00 10.00 ? 4  DT  A "H5'"  1 
ATOM   117 H "H5''" . DT  A 1 4 ? 4.852   6.340   6.974   1.00 10.00 ? 4  DT  A "H5''" 1 
ATOM   118 H "H4'"  . DT  A 1 4 ? 4.221   5.906   4.771   1.00 10.00 ? 4  DT  A "H4'"  1 
ATOM   119 H "H3'"  . DT  A 1 4 ? 1.904   5.942   6.602   1.00 10.00 ? 4  DT  A "H3'"  1 
ATOM   120 H "H2'"  . DT  A 1 4 ? 1.044   4.086   5.645   1.00 10.00 ? 4  DT  A "H2'"  1 
ATOM   121 H "H2''" . DT  A 1 4 ? 0.673   5.083   4.268   1.00 10.00 ? 4  DT  A "H2''" 1 
ATOM   122 H "H1'"  . DT  A 1 4 ? 2.733   4.613   3.172   1.00 10.00 ? 4  DT  A "H1'"  1 
ATOM   123 H H3     . DT  A 1 4 ? 1.509   0.652   1.211   1.00 10.00 ? 4  DT  A H3     1 
ATOM   124 H H71    . DT  A 1 4 ? 1.016   -0.911  5.785   1.00 10.00 ? 4  DT  A H71    1 
ATOM   125 H H72    . DT  A 1 4 ? 1.215   -0.487  6.087   1.00 10.00 ? 4  DT  A H72    1 
ATOM   126 H H73    . DT  A 1 4 ? 0.667   -0.492  5.935   1.00 10.00 ? 4  DT  A H73    1 
ATOM   127 H H6     . DT  A 1 4 ? 2.065   2.061   5.744   1.00 10.00 ? 4  DT  A H6     1 
ATOM   128 P P      . DT  A 1 5 ? 0.925   7.954   4.664   1.00 10.00 ? 5  DT  A P      1 
ATOM   129 O OP1    . DT  A 1 5 ? 1.404   9.331   4.465   1.00 10.00 ? 5  DT  A OP1    1 
ATOM   130 O OP2    . DT  A 1 5 ? -0.048  7.682   5.730   1.00 10.00 ? 5  DT  A OP2    1 
ATOM   131 O "O5'"  . DT  A 1 5 ? 0.315   7.428   3.301   1.00 10.00 ? 5  DT  A "O5'"  1 
ATOM   132 C "C5'"  . DT  A 1 5 ? 1.135   7.282   2.167   1.00 10.00 ? 5  DT  A "C5'"  1 
ATOM   133 C "C4'"  . DT  A 1 5 ? 0.435   6.656   0.982   1.00 10.00 ? 5  DT  A "C4'"  1 
ATOM   134 O "O4'"  . DT  A 1 5 ? 0.347   5.280   1.252   1.00 10.00 ? 5  DT  A "O4'"  1 
ATOM   135 C "C3'"  . DT  A 1 5 ? -0.979  7.144   0.691   1.00 10.00 ? 5  DT  A "C3'"  1 
ATOM   136 O "O3'"  . DT  A 1 5 ? -1.023  8.066   -0.389  1.00 10.00 ? 5  DT  A "O3'"  1 
ATOM   137 C "C2'"  . DT  A 1 5 ? -1.735  5.856   0.418   1.00 10.00 ? 5  DT  A "C2'"  1 
ATOM   138 C "C1'"  . DT  A 1 5 ? -0.696  4.752   0.473   1.00 10.00 ? 5  DT  A "C1'"  1 
ATOM   139 N N1     . DT  A 1 5 ? -1.231  3.542   1.117   1.00 10.00 ? 5  DT  A N1     1 
ATOM   140 C C2     . DT  A 1 5 ? -1.637  2.497   0.302   1.00 10.00 ? 5  DT  A C2     1 
ATOM   141 O O2     . DT  A 1 5 ? -1.690  2.575   -0.920  1.00 10.00 ? 5  DT  A O2     1 
ATOM   142 N N3     . DT  A 1 5 ? -2.017  1.351   0.943   1.00 10.00 ? 5  DT  A N3     1 
ATOM   143 C C4     . DT  A 1 5 ? -2.099  1.168   2.309   1.00 10.00 ? 5  DT  A C4     1 
ATOM   144 O O4     . DT  A 1 5 ? -2.410  0.067   2.756   1.00 10.00 ? 5  DT  A O4     1 
ATOM   145 C C5     . DT  A 1 5 ? -1.753  2.337   3.095   1.00 10.00 ? 5  DT  A C5     1 
ATOM   146 C C7     . DT  A 1 5 ? -1.789  2.299   4.602   1.00 10.00 ? 5  DT  A C7     1 
ATOM   147 C C6     . DT  A 1 5 ? -1.322  3.465   2.490   1.00 10.00 ? 5  DT  A C6     1 
ATOM   148 H "H5'"  . DT  A 1 5 ? 1.937   6.605   2.419   1.00 10.00 ? 5  DT  A "H5'"  1 
ATOM   149 H "H5''" . DT  A 1 5 ? 1.559   8.231   1.878   1.00 10.00 ? 5  DT  A "H5''" 1 
ATOM   150 H "H4'"  . DT  A 1 5 ? 1.046   6.783   0.105   1.00 10.00 ? 5  DT  A "H4'"  1 
ATOM   151 H "H3'"  . DT  A 1 5 ? -1.400  7.607   1.589   1.00 10.00 ? 5  DT  A "H3'"  1 
ATOM   152 H "H2'"  . DT  A 1 5 ? -2.487  5.688   1.171   1.00 10.00 ? 5  DT  A "H2'"  1 
ATOM   153 H "H2''" . DT  A 1 5 ? -2.177  5.881   -0.563  1.00 10.00 ? 5  DT  A "H2''" 1 
ATOM   154 H "H1'"  . DT  A 1 5 ? -0.343  4.526   -0.527  1.00 10.00 ? 5  DT  A "H1'"  1 
ATOM   155 H H3     . DT  A 1 5 ? -2.293  0.599   0.348   1.00 10.00 ? 5  DT  A H3     1 
ATOM   156 H H71    . DT  A 1 5 ? -1.939  2.779   4.961   1.00 10.00 ? 5  DT  A H71    1 
ATOM   157 H H72    . DT  A 1 5 ? -2.156  1.919   4.981   1.00 10.00 ? 5  DT  A H72    1 
ATOM   158 H H73    . DT  A 1 5 ? -1.310  2.151   4.985   1.00 10.00 ? 5  DT  A H73    1 
ATOM   159 H H6     . DT  A 1 5 ? -1.034  4.336   3.066   1.00 10.00 ? 5  DT  A H6     1 
ATOM   160 P P      . DG  A 1 6 ? -2.308  8.956   -0.730  1.00 10.00 ? 6  DG  A P      1 
ATOM   161 O OP1    . DG  A 1 6 ? -1.866  10.059  -1.586  1.00 10.00 ? 6  DG  A OP1    1 
ATOM   162 O OP2    . DG  A 1 6 ? -3.000  9.276   0.519   1.00 10.00 ? 6  DG  A OP2    1 
ATOM   163 O "O5'"  . DG  A 1 6 ? -3.252  7.986   -1.589  1.00 10.00 ? 6  DG  A "O5'"  1 
ATOM   164 C "C5'"  . DG  A 1 6 ? -2.858  7.579   -2.886  1.00 10.00 ? 6  DG  A "C5'"  1 
ATOM   165 C "C4'"  . DG  A 1 6 ? -3.768  6.595   -3.621  1.00 10.00 ? 6  DG  A "C4'"  1 
ATOM   166 O "O4'"  . DG  A 1 6 ? -3.733  5.317   -3.002  1.00 10.00 ? 6  DG  A "O4'"  1 
ATOM   167 C "C3'"  . DG  A 1 6 ? -5.234  6.985   -3.764  1.00 10.00 ? 6  DG  A "C3'"  1 
ATOM   168 O "O3'"  . DG  A 1 6 ? -5.647  6.615   -5.061  1.00 10.00 ? 6  DG  A "O3'"  1 
ATOM   169 C "C2'"  . DG  A 1 6 ? -5.893  6.127   -2.714  1.00 10.00 ? 6  DG  A "C2'"  1 
ATOM   170 C "C1'"  . DG  A 1 6 ? -5.050  4.866   -2.825  1.00 10.00 ? 6  DG  A "C1'"  1 
ATOM   171 N N9     . DG  A 1 6 ? -5.136  4.008   -1.625  1.00 10.00 ? 6  DG  A N9     1 
ATOM   172 C C8     . DG  A 1 6 ? -4.887  4.381   -0.332  1.00 10.00 ? 6  DG  A C8     1 
ATOM   173 N N7     . DG  A 1 6 ? -4.935  3.400   0.527   1.00 10.00 ? 6  DG  A N7     1 
ATOM   174 C C5     . DG  A 1 6 ? -5.296  2.307   -0.249  1.00 10.00 ? 6  DG  A C5     1 
ATOM   175 C C6     . DG  A 1 6 ? -5.547  0.950   0.117   1.00 10.00 ? 6  DG  A C6     1 
ATOM   176 O O6     . DG  A 1 6 ? -5.544  0.442   1.226   1.00 10.00 ? 6  DG  A O6     1 
ATOM   177 N N1     . DG  A 1 6 ? -5.911  0.168   -0.959  1.00 10.00 ? 6  DG  A N1     1 
ATOM   178 C C2     . DG  A 1 6 ? -5.987  0.614   -2.256  1.00 10.00 ? 6  DG  A C2     1 
ATOM   179 N N2     . DG  A 1 6 ? -6.285  -0.254  -3.193  1.00 10.00 ? 6  DG  A N2     1 
ATOM   180 N N3     . DG  A 1 6 ? -5.739  1.867   -2.624  1.00 10.00 ? 6  DG  A N3     1 
ATOM   181 C C4     . DG  A 1 6 ? -5.436  2.675   -1.570  1.00 10.00 ? 6  DG  A C4     1 
ATOM   182 H "H5'"  . DG  A 1 6 ? -1.923  7.069   -2.809  1.00 10.00 ? 6  DG  A "H5'"  1 
ATOM   183 H "H5''" . DG  A 1 6 ? -2.736  8.466   -3.481  1.00 10.00 ? 6  DG  A "H5''" 1 
ATOM   184 H "H4'"  . DG  A 1 6 ? -3.372  6.463   -4.599  1.00 10.00 ? 6  DG  A "H4'"  1 
ATOM   185 H "H3'"  . DG  A 1 6 ? -5.400  8.030   -3.580  1.00 10.00 ? 6  DG  A "H3'"  1 
ATOM   186 H "H2'"  . DG  A 1 6 ? -5.797  6.584   -1.739  1.00 10.00 ? 6  DG  A "H2'"  1 
ATOM   187 H "H2''" . DG  A 1 6 ? -6.930  5.935   -2.935  1.00 10.00 ? 6  DG  A "H2''" 1 
ATOM   188 H "H1'"  . DG  A 1 6 ? -5.372  4.308   -3.699  1.00 10.00 ? 6  DG  A "H1'"  1 
ATOM   189 H H8     . DG  A 1 6 ? -4.625  5.401   -0.111  1.00 10.00 ? 6  DG  A H8     1 
ATOM   190 H H1     . DG  A 1 6 ? -6.102  -0.803  -0.786  1.00 10.00 ? 6  DG  A H1     1 
ATOM   191 H H21    . DG  A 1 6 ? -6.438  -1.226  -2.975  1.00 10.00 ? 6  DG  A H21    1 
ATOM   192 H H22    . DG  A 1 6 ? -6.330  0.040   -4.133  1.00 10.00 ? 6  DG  A H22    1 
ATOM   193 P P      . DG  A 1 7 ? -6.978  7.128   -5.748  1.00 10.00 ? 7  DG  A P      1 
ATOM   194 O OP1    . DG  A 1 7 ? -6.650  7.395   -7.147  1.00 10.00 ? 7  DG  A OP1    1 
ATOM   195 O OP2    . DG  A 1 7 ? -7.526  8.228   -4.957  1.00 10.00 ? 7  DG  A OP2    1 
ATOM   196 O "O5'"  . DG  A 1 7 ? -8.011  5.945   -5.691  1.00 10.00 ? 7  DG  A "O5'"  1 
ATOM   197 C "C5'"  . DG  A 1 7 ? -8.012  4.936   -6.672  1.00 10.00 ? 7  DG  A "C5'"  1 
ATOM   198 C "C4'"  . DG  A 1 7 ? -9.019  3.824   -6.401  1.00 10.00 ? 7  DG  A "C4'"  1 
ATOM   199 O "O4'"  . DG  A 1 7 ? -8.641  3.125   -5.222  1.00 10.00 ? 7  DG  A "O4'"  1 
ATOM   200 C "C3'"  . DG  A 1 7 ? -10.467 4.270   -6.216  1.00 10.00 ? 7  DG  A "C3'"  1 
ATOM   201 O "O3'"  . DG  A 1 7 ? -11.293 3.256   -6.785  1.00 10.00 ? 7  DG  A "O3'"  1 
ATOM   202 C "C2'"  . DG  A 1 7 ? -10.564 4.368   -4.706  1.00 10.00 ? 7  DG  A "C2'"  1 
ATOM   203 C "C1'"  . DG  A 1 7 ? -9.744  3.149   -4.324  1.00 10.00 ? 7  DG  A "C1'"  1 
ATOM   204 N N9     . DG  A 1 7 ? -9.298  3.127   -2.926  1.00 10.00 ? 7  DG  A N9     1 
ATOM   205 C C8     . DG  A 1 7 ? -9.021  4.170   -2.097  1.00 10.00 ? 7  DG  A C8     1 
ATOM   206 N N7     . DG  A 1 7 ? -8.770  3.829   -0.869  1.00 10.00 ? 7  DG  A N7     1 
ATOM   207 C C5     . DG  A 1 7 ? -8.945  2.459   -0.878  1.00 10.00 ? 7  DG  A C5     1 
ATOM   208 C C6     . DG  A 1 7 ? -8.921  1.504   0.181   1.00 10.00 ? 7  DG  A C6     1 
ATOM   209 O O6     . DG  A 1 7 ? -8.723  1.725   1.358   1.00 10.00 ? 7  DG  A O6     1 
ATOM   210 N N1     . DG  A 1 7 ? -9.183  0.223   -0.232  1.00 10.00 ? 7  DG  A N1     1 
ATOM   211 C C2     . DG  A 1 7 ? -9.449  -0.125  -1.527  1.00 10.00 ? 7  DG  A C2     1 
ATOM   212 N N2     . DG  A 1 7 ? -9.639  -1.398  -1.770  1.00 10.00 ? 7  DG  A N2     1 
ATOM   213 N N3     . DG  A 1 7 ? -9.498  0.740   -2.535  1.00 10.00 ? 7  DG  A N3     1 
ATOM   214 C C4     . DG  A 1 7 ? -9.244  2.020   -2.138  1.00 10.00 ? 7  DG  A C4     1 
ATOM   215 H "H5'"  . DG  A 1 7 ? -7.034  4.510   -6.739  1.00 10.00 ? 7  DG  A "H5'"  1 
ATOM   216 H "H5''" . DG  A 1 7 ? -8.242  5.379   -7.621  1.00 10.00 ? 7  DG  A "H5''" 1 
ATOM   217 H "H4'"  . DG  A 1 7 ? -8.995  3.161   -7.238  1.00 10.00 ? 7  DG  A "H4'"  1 
ATOM   218 H "H3'"  . DG  A 1 7 ? -10.664 5.249   -6.676  1.00 10.00 ? 7  DG  A "H3'"  1 
ATOM   219 H "H2'"  . DG  A 1 7 ? -10.105 5.293   -4.368  1.00 10.00 ? 7  DG  A "H2'"  1 
ATOM   220 H "H2''" . DG  A 1 7 ? -11.591 4.315   -4.338  1.00 10.00 ? 7  DG  A "H2''" 1 
ATOM   221 H "H1'"  . DG  A 1 7 ? -10.378 2.258   -4.474  1.00 10.00 ? 7  DG  A "H1'"  1 
ATOM   222 H H8     . DG  A 1 7 ? -9.005  5.183   -2.465  1.00 10.00 ? 7  DG  A H8     1 
ATOM   223 H H1     . DG  A 1 7 ? -9.172  -0.505  0.453   1.00 10.00 ? 7  DG  A H1     1 
ATOM   224 H H21    . DG  A 1 7 ? -9.636  -2.107  -1.056  1.00 10.00 ? 7  DG  A H21    1 
ATOM   225 H H22    . DG  A 1 7 ? -9.840  -1.610  -2.695  1.00 10.00 ? 7  DG  A H22    1 
ATOM   226 P P      . DC  A 1 8 ? -12.879 3.223   -6.686  1.00 10.00 ? 8  DC  A P      1 
ATOM   227 O OP1    . DC  A 1 8 ? -13.361 2.481   -7.857  1.00 10.00 ? 8  DC  A OP1    1 
ATOM   228 O OP2    . DC  A 1 8 ? -13.368 4.585   -6.453  1.00 10.00 ? 8  DC  A OP2    1 
ATOM   229 O "O5'"  . DC  A 1 8 ? -13.165 2.336   -5.401  1.00 10.00 ? 8  DC  A "O5'"  1 
ATOM   230 C "C5'"  . DC  A 1 8 ? -12.826 0.964   -5.364  1.00 10.00 ? 8  DC  A "C5'"  1 
ATOM   231 C "C4'"  . DC  A 1 8 ? -13.301 0.264   -4.098  1.00 10.00 ? 8  DC  A "C4'"  1 
ATOM   232 O "O4'"  . DC  A 1 8 ? -12.574 0.793   -3.026  1.00 10.00 ? 8  DC  A "O4'"  1 
ATOM   233 C "C3'"  . DC  A 1 8 ? -14.777 0.466   -3.788  1.00 10.00 ? 8  DC  A "C3'"  1 
ATOM   234 O "O3'"  . DC  A 1 8 ? -15.467 -0.743  -3.595  1.00 10.00 ? 8  DC  A "O3'"  1 
ATOM   235 C "C2'"  . DC  A 1 8 ? -14.753 1.275   -2.518  1.00 10.00 ? 8  DC  A "C2'"  1 
ATOM   236 C "C1'"  . DC  A 1 8 ? -13.394 0.987   -1.915  1.00 10.00 ? 8  DC  A "C1'"  1 
ATOM   237 N N1     . DC  A 1 8 ? -12.866 2.091   -1.074  1.00 10.00 ? 8  DC  A N1     1 
ATOM   238 C C2     . DC  A 1 8 ? -12.680 1.908   0.298   1.00 10.00 ? 8  DC  A C2     1 
ATOM   239 O O2     . DC  A 1 8 ? -12.880 0.827   0.845   1.00 10.00 ? 8  DC  A O2     1 
ATOM   240 N N3     . DC  A 1 8 ? -12.260 2.953   1.056   1.00 10.00 ? 8  DC  A N3     1 
ATOM   241 C C4     . DC  A 1 8 ? -11.993 4.123   0.490   1.00 10.00 ? 8  DC  A C4     1 
ATOM   242 N N4     . DC  A 1 8 ? -11.607 5.095   1.266   1.00 10.00 ? 8  DC  A N4     1 
ATOM   243 C C5     . DC  A 1 8 ? -12.158 4.338   -0.905  1.00 10.00 ? 8  DC  A C5     1 
ATOM   244 C C6     . DC  A 1 8 ? -12.595 3.302   -1.641  1.00 10.00 ? 8  DC  A C6     1 
ATOM   245 H "H5'"  . DC  A 1 8 ? -11.765 0.863   -5.430  1.00 10.00 ? 8  DC  A "H5'"  1 
ATOM   246 H "H5''" . DC  A 1 8 ? -13.253 0.462   -6.215  1.00 10.00 ? 8  DC  A "H5''" 1 
ATOM   247 H "H4'"  . DC  A 1 8 ? -13.082 -0.794  -4.190  1.00 10.00 ? 8  DC  A "H4'"  1 
ATOM   248 H "H3'"  . DC  A 1 8 ? -15.247 1.057   -4.578  1.00 10.00 ? 8  DC  A "H3'"  1 
ATOM   249 H "HO3'" . DC  A 1 8 ? -15.037 -1.257  -2.905  1.00 10.00 ? 8  DC  A "HO3'" 1 
ATOM   250 H "H2'"  . DC  A 1 8 ? -14.847 2.299   -2.746  1.00 10.00 ? 8  DC  A "H2'"  1 
ATOM   251 H "H2''" . DC  A 1 8 ? -15.529 0.998   -1.865  1.00 10.00 ? 8  DC  A "H2''" 1 
ATOM   252 H "H1'"  . DC  A 1 8 ? -13.429 0.111   -1.340  1.00 10.00 ? 8  DC  A "H1'"  1 
ATOM   253 H H41    . DC  A 1 8 ? -11.547 4.916   2.246   1.00 10.00 ? 8  DC  A H41    1 
ATOM   254 H H42    . DC  A 1 8 ? -11.388 5.983   0.867   1.00 10.00 ? 8  DC  A H42    1 
ATOM   255 H H5     . DC  A 1 8 ? -11.934 5.266   -1.395  1.00 10.00 ? 8  DC  A H5     1 
ATOM   256 H H6     . DC  A 1 8 ? -12.755 3.422   -2.690  1.00 10.00 ? 8  DC  A H6     1 
ATOM   257 O "O5'"  . DC  B 2 1 ? -11.261 -7.449  5.041   1.00 10.00 ? 9  DC  B "O5'"  1 
ATOM   258 C "C5'"  . DC  B 2 1 ? -12.174 -7.802  4.053   1.00 10.00 ? 9  DC  B "C5'"  1 
ATOM   259 C "C4'"  . DC  B 2 1 ? -11.768 -7.363  2.656   1.00 10.00 ? 9  DC  B "C4'"  1 
ATOM   260 O "O4'"  . DC  B 2 1 ? -11.617 -5.967  2.633   1.00 10.00 ? 9  DC  B "O4'"  1 
ATOM   261 C "C3'"  . DC  B 2 1 ? -10.460 -7.959  2.141   1.00 10.00 ? 9  DC  B "C3'"  1 
ATOM   262 O "O3'"  . DC  B 2 1 ? -10.676 -8.508  0.870   1.00 10.00 ? 9  DC  B "O3'"  1 
ATOM   263 C "C2'"  . DC  B 2 1 ? -9.545  -6.753  2.088   1.00 10.00 ? 9  DC  B "C2'"  1 
ATOM   264 C "C1'"  . DC  B 2 1 ? -10.518 -5.634  1.836   1.00 10.00 ? 9  DC  B "C1'"  1 
ATOM   265 N N1     . DC  B 2 1 ? -9.997  -4.281  2.186   1.00 10.00 ? 9  DC  B N1     1 
ATOM   266 C C2     . DC  B 2 1 ? -9.725  -3.354  1.198   1.00 10.00 ? 9  DC  B C2     1 
ATOM   267 O O2     . DC  B 2 1 ? -9.915  -3.589  0.003   1.00 10.00 ? 9  DC  B O2     1 
ATOM   268 N N3     . DC  B 2 1 ? -9.224  -2.139  1.543   1.00 10.00 ? 9  DC  B N3     1 
ATOM   269 C C4     . DC  B 2 1 ? -8.985  -1.875  2.805   1.00 10.00 ? 9  DC  B C4     1 
ATOM   270 N N4     . DC  B 2 1 ? -8.509  -0.712  3.077   1.00 10.00 ? 9  DC  B N4     1 
ATOM   271 C C5     . DC  B 2 1 ? -9.257  -2.791  3.848   1.00 10.00 ? 9  DC  B C5     1 
ATOM   272 C C6     . DC  B 2 1 ? -9.770  -3.968  3.497   1.00 10.00 ? 9  DC  B C6     1 
ATOM   273 H "H5'"  . DC  B 2 1 ? -13.134 -7.360  4.294   1.00 10.00 ? 9  DC  B "H5'"  1 
ATOM   274 H "H5''" . DC  B 2 1 ? -12.275 -8.869  4.062   1.00 10.00 ? 9  DC  B "H5''" 1 
ATOM   275 H "H4'"  . DC  B 2 1 ? -12.530 -7.612  1.993   1.00 10.00 ? 9  DC  B "H4'"  1 
ATOM   276 H "H3'"  . DC  B 2 1 ? -10.069 -8.698  2.809   1.00 10.00 ? 9  DC  B "H3'"  1 
ATOM   277 H "H2'"  . DC  B 2 1 ? -9.055  -6.635  3.037   1.00 10.00 ? 9  DC  B "H2'"  1 
ATOM   278 H "H2''" . DC  B 2 1 ? -8.826  -6.818  1.303   1.00 10.00 ? 9  DC  B "H2''" 1 
ATOM   279 H "H1'"  . DC  B 2 1 ? -10.795 -5.643  0.794   1.00 10.00 ? 9  DC  B "H1'"  1 
ATOM   280 H H41    . DC  B 2 1 ? -8.244  -0.074  2.368   1.00 10.00 ? 9  DC  B H41    1 
ATOM   281 H H42    . DC  B 2 1 ? -8.319  -0.490  4.027   1.00 10.00 ? 9  DC  B H42    1 
ATOM   282 H H5     . DC  B 2 1 ? -9.087  -2.572  4.881   1.00 10.00 ? 9  DC  B H5     1 
ATOM   283 H H6     . DC  B 2 1 ? -10.025 -4.701  4.224   1.00 10.00 ? 9  DC  B H6     1 
ATOM   284 H "HO5'" . DC  B 2 1 ? -11.510 -6.616  5.398   1.00 10.00 ? 9  DC  B "HO5'" 1 
HETATM 285 P P      . CMR B 2 2 ? -9.682  -9.582  0.216   1.00 10.00 ? 10 CMR B P      1 
HETATM 286 C CMP    . CMR B 2 2 ? -10.384 -11.157 -0.229  1.00 10.00 ? 10 CMR B CMP    1 
HETATM 287 O OP1    . CMR B 2 2 ? -8.660  -9.939  1.223   1.00 10.00 ? 10 CMR B OP1    1 
HETATM 288 O "O5'"  . CMR B 2 2 ? -8.973  -8.749  -0.944  1.00 10.00 ? 10 CMR B "O5'"  1 
HETATM 289 C "C5'"  . CMR B 2 2 ? -9.645  -8.480  -2.152  1.00 10.00 ? 10 CMR B "C5'"  1 
HETATM 290 C "C4'"  . CMR B 2 2 ? -8.859  -7.564  -3.058  1.00 10.00 ? 10 CMR B "C4'"  1 
HETATM 291 O "O4'"  . CMR B 2 2 ? -8.706  -6.307  -2.442  1.00 10.00 ? 10 CMR B "O4'"  1 
HETATM 292 C "C1'"  . CMR B 2 2 ? -7.403  -5.816  -2.662  1.00 10.00 ? 10 CMR B "C1'"  1 
HETATM 293 N N1     . CMR B 2 2 ? -6.999  -4.903  -1.553  1.00 10.00 ? 10 CMR B N1     1 
HETATM 294 C C6     . CMR B 2 2 ? -6.927  -5.372  -0.278  1.00 10.00 ? 10 CMR B C6     1 
HETATM 295 C C5     . CMR B 2 2 ? -6.543  -4.590  0.746   1.00 10.00 ? 10 CMR B C5     1 
HETATM 296 C C4     . CMR B 2 2 ? -6.198  -3.248  0.429   1.00 10.00 ? 10 CMR B C4     1 
HETATM 297 N N4     . CMR B 2 2 ? -5.754  -2.462  1.392   1.00 10.00 ? 10 CMR B N4     1 
HETATM 298 N N3     . CMR B 2 2 ? -6.317  -2.752  -0.808  1.00 10.00 ? 10 CMR B N3     1 
HETATM 299 C C2     . CMR B 2 2 ? -6.734  -3.564  -1.816  1.00 10.00 ? 10 CMR B C2     1 
HETATM 300 O O2     . CMR B 2 2 ? -6.863  -3.083  -2.940  1.00 10.00 ? 10 CMR B O2     1 
HETATM 301 C "C3'"  . CMR B 2 2 ? -7.473  -8.066  -3.441  1.00 10.00 ? 10 CMR B "C3'"  1 
HETATM 302 C "C2'"  . CMR B 2 2 ? -6.556  -7.085  -2.725  1.00 10.00 ? 10 CMR B "C2'"  1 
HETATM 303 O "O3'"  . CMR B 2 2 ? -7.371  -8.012  -4.848  1.00 10.00 ? 10 CMR B "O3'"  1 
HETATM 304 H HMP1   . CMR B 2 2 ? -10.408 -11.298 -1.118  1.00 10.00 ? 10 CMR B HMP1   1 
HETATM 305 H HMP2   . CMR B 2 2 ? -11.192 -11.203 0.056   1.00 10.00 ? 10 CMR B HMP2   1 
HETATM 306 H HMP3   . CMR B 2 2 ? -9.951  -11.834 0.087   1.00 10.00 ? 10 CMR B HMP3   1 
HETATM 307 H "H5'"  . CMR B 2 2 ? -10.587 -8.009  -1.938  1.00 10.00 ? 10 CMR B "H5'"  1 
HETATM 308 H "H5''" . CMR B 2 2 ? -9.831  -9.402  -2.661  1.00 10.00 ? 10 CMR B "H5''" 1 
HETATM 309 H "H4'"  . CMR B 2 2 ? -9.430  -7.427  -3.958  1.00 10.00 ? 10 CMR B "H4'"  1 
HETATM 310 H "H1'"  . CMR B 2 2 ? -7.357  -5.291  -3.642  1.00 10.00 ? 10 CMR B "H1'"  1 
HETATM 311 H H6     . CMR B 2 2 ? -7.153  -6.415  -0.141  1.00 10.00 ? 10 CMR B H6     1 
HETATM 312 H H5     . CMR B 2 2 ? -6.466  -4.987  1.739   1.00 10.00 ? 10 CMR B H5     1 
HETATM 313 H H41    . CMR B 2 2 ? -5.534  -2.830  2.302   1.00 10.00 ? 10 CMR B H41    1 
HETATM 314 H H42    . CMR B 2 2 ? -5.546  -1.510  1.179   1.00 10.00 ? 10 CMR B H42    1 
HETATM 315 H "H3'"  . CMR B 2 2 ? -7.295  -9.077  -3.106  1.00 10.00 ? 10 CMR B "H3'"  1 
HETATM 316 H "H2'"  . CMR B 2 2 ? -6.326  -7.506  -1.751  1.00 10.00 ? 10 CMR B "H2'"  1 
HETATM 317 H "H2''" . CMR B 2 2 ? -5.628  -6.899  -3.249  1.00 10.00 ? 10 CMR B "H2''" 1 
HETATM 318 P P      . RMP B 2 3 ? -6.085  -8.523  -5.670  1.00 10.00 ? 11 RMP B P      1 
HETATM 319 C CMP    . RMP B 2 3 ? -6.419  -9.489  -7.118  1.00 10.00 ? 11 RMP B CMP    1 
HETATM 320 O OP1    . RMP B 2 3 ? -5.274  -9.425  -4.837  1.00 10.00 ? 11 RMP B OP1    1 
HETATM 321 O "O5'"  . RMP B 2 3 ? -5.259  -7.172  -5.864  1.00 10.00 ? 11 RMP B "O5'"  1 
HETATM 322 C "C5'"  . RMP B 2 3 ? -5.795  -6.132  -6.641  1.00 10.00 ? 11 RMP B "C5'"  1 
HETATM 323 C "C4'"  . RMP B 2 3 ? -5.009  -4.851  -6.462  1.00 10.00 ? 11 RMP B "C4'"  1 
HETATM 324 O "O4'"  . RMP B 2 3 ? -5.020  -4.472  -5.112  1.00 10.00 ? 11 RMP B "O4'"  1 
HETATM 325 C "C1'"  . RMP B 2 3 ? -3.832  -3.766  -4.854  1.00 10.00 ? 11 RMP B "C1'"  1 
HETATM 326 N N9     . RMP B 2 3 ? -3.519  -3.731  -3.410  1.00 10.00 ? 11 RMP B N9     1 
HETATM 327 C C8     . RMP B 2 3 ? -3.403  -4.787  -2.551  1.00 10.00 ? 11 RMP B C8     1 
HETATM 328 N N7     . RMP B 2 3 ? -3.115  -4.463  -1.327  1.00 10.00 ? 11 RMP B N7     1 
HETATM 329 C C5     . RMP B 2 3 ? -3.017  -3.073  -1.392  1.00 10.00 ? 11 RMP B C5     1 
HETATM 330 C C6     . RMP B 2 3 ? -2.732  -2.059  -0.463  1.00 10.00 ? 11 RMP B C6     1 
HETATM 331 N N6     . RMP B 2 3 ? -2.465  -2.283  0.803   1.00 10.00 ? 11 RMP B N6     1 
HETATM 332 N N1     . RMP B 2 3 ? -2.669  -0.792  -0.874  1.00 10.00 ? 11 RMP B N1     1 
HETATM 333 C C2     . RMP B 2 3 ? -2.864  -0.503  -2.150  1.00 10.00 ? 11 RMP B C2     1 
HETATM 334 N N3     . RMP B 2 3 ? -3.155  -1.345  -3.120  1.00 10.00 ? 11 RMP B N3     1 
HETATM 335 C C4     . RMP B 2 3 ? -3.230  -2.623  -2.667  1.00 10.00 ? 11 RMP B C4     1 
HETATM 336 C "C3'"  . RMP B 2 3 ? -3.543  -4.881  -6.916  1.00 10.00 ? 11 RMP B "C3'"  1 
HETATM 337 C "C2'"  . RMP B 2 3 ? -2.789  -4.510  -5.653  1.00 10.00 ? 11 RMP B "C2'"  1 
HETATM 338 O "O3'"  . RMP B 2 3 ? -3.418  -3.938  -7.958  1.00 10.00 ? 11 RMP B "O3'"  1 
HETATM 339 H HMP1   . RMP B 2 3 ? -5.731  -9.539  -7.679  1.00 10.00 ? 11 RMP B HMP1   1 
HETATM 340 H HMP2   . RMP B 2 3 ? -7.094  -9.184  -7.605  1.00 10.00 ? 11 RMP B HMP2   1 
HETATM 341 H HMP3   . RMP B 2 3 ? -6.653  -10.355 -6.957  1.00 10.00 ? 11 RMP B HMP3   1 
HETATM 342 H "H5'"  . RMP B 2 3 ? -6.810  -5.948  -6.343  1.00 10.00 ? 11 RMP B "H5'"  1 
HETATM 343 H "H5''" . RMP B 2 3 ? -5.787  -6.407  -7.680  1.00 10.00 ? 11 RMP B "H5''" 1 
HETATM 344 H "H4'"  . RMP B 2 3 ? -5.541  -4.091  -7.028  1.00 10.00 ? 11 RMP B "H4'"  1 
HETATM 345 H "H1'"  . RMP B 2 3 ? -3.911  -2.758  -5.218  1.00 10.00 ? 11 RMP B "H1'"  1 
HETATM 346 H H8     . RMP B 2 3 ? -3.554  -5.795  -2.914  1.00 10.00 ? 11 RMP B H8     1 
HETATM 347 H H61    . RMP B 2 3 ? -2.283  -1.523  1.423   1.00 10.00 ? 11 RMP B H61    1 
HETATM 348 H H62    . RMP B 2 3 ? -2.502  -3.225  1.150   1.00 10.00 ? 11 RMP B H62    1 
HETATM 349 H H2     . RMP B 2 3 ? -2.788  0.534   -2.422  1.00 10.00 ? 11 RMP B H2     1 
HETATM 350 H "H3'"  . RMP B 2 3 ? -3.245  -5.878  -7.239  1.00 10.00 ? 11 RMP B "H3'"  1 
HETATM 351 H "H2'"  . RMP B 2 3 ? -2.485  -5.403  -5.130  1.00 10.00 ? 11 RMP B "H2'"  1 
HETATM 352 H "H2''" . RMP B 2 3 ? -1.946  -3.897  -5.865  1.00 10.00 ? 11 RMP B "H2''" 1 
HETATM 353 P P      . RMP B 2 4 ? -2.089  -3.729  -8.808  1.00 10.00 ? 12 RMP B P      1 
HETATM 354 C CMP    . RMP B 2 4 ? -2.243  -3.738  -10.572 1.00 10.00 ? 12 RMP B CMP    1 
HETATM 355 O OP1    . RMP B 2 4 ? -1.157  -4.841  -8.533  1.00 10.00 ? 12 RMP B OP1    1 
HETATM 356 O "O5'"  . RMP B 2 4 ? -1.486  -2.420  -8.151  1.00 10.00 ? 12 RMP B "O5'"  1 
HETATM 357 C "C5'"  . RMP B 2 4 ? -2.127  -1.192  -8.259  1.00 10.00 ? 12 RMP B "C5'"  1 
HETATM 358 C "C4'"  . RMP B 2 4 ? -1.390  -0.086  -7.554  1.00 10.00 ? 12 RMP B "C4'"  1 
HETATM 359 O "O4'"  . RMP B 2 4 ? -1.401  -0.362  -6.169  1.00 10.00 ? 12 RMP B "O4'"  1 
HETATM 360 C "C1'"  . RMP B 2 4 ? -0.147  -0.082  -5.597  1.00 10.00 ? 12 RMP B "C1'"  1 
HETATM 361 N N9     . RMP B 2 4 ? 0.075   -0.882  -4.375  1.00 10.00 ? 12 RMP B N9     1 
HETATM 362 C C8     . RMP B 2 4 ? -0.044  -2.231  -4.191  1.00 10.00 ? 12 RMP B C8     1 
HETATM 363 N N7     . RMP B 2 4 ? 0.186   -2.649  -2.976  1.00 10.00 ? 12 RMP B N7     1 
HETATM 364 C C5     . RMP B 2 4 ? 0.516   -1.482  -2.310  1.00 10.00 ? 12 RMP B C5     1 
HETATM 365 C C6     . RMP B 2 4 ? 0.830   -1.186  -0.965  1.00 10.00 ? 12 RMP B C6     1 
HETATM 366 N N6     . RMP B 2 4 ? 0.932   -2.092  -0.005  1.00 10.00 ? 12 RMP B N6     1 
HETATM 367 N N1     . RMP B 2 4 ? 1.068   0.077   -0.606  1.00 10.00 ? 12 RMP B N1     1 
HETATM 368 C C2     . RMP B 2 4 ? 0.998   1.017   -1.530  1.00 10.00 ? 12 RMP B C2     1 
HETATM 369 N N3     . RMP B 2 4 ? 0.698   0.890   -2.819  1.00 10.00 ? 12 RMP B N3     1 
HETATM 370 C C4     . RMP B 2 4 ? 0.470   -0.405  -3.154  1.00 10.00 ? 12 RMP B C4     1 
HETATM 371 C "C3'"  . RMP B 2 4 ? 0.078   0.101   -7.956  1.00 10.00 ? 12 RMP B "C3'"  1 
HETATM 372 C "C2'"  . RMP B 2 4 ? 0.833   -0.377  -6.708  1.00 10.00 ? 12 RMP B "C2'"  1 
HETATM 373 O "O3'"  . RMP B 2 4 ? 0.263   1.477   -8.217  1.00 10.00 ? 12 RMP B "O3'"  1 
HETATM 374 H HMP1   . RMP B 2 4 ? -2.611  -3.622  -10.812 1.00 10.00 ? 12 RMP B HMP1   1 
HETATM 375 H HMP2   . RMP B 2 4 ? -2.218  -4.094  -10.934 1.00 10.00 ? 12 RMP B HMP2   1 
HETATM 376 H HMP3   . RMP B 2 4 ? -1.996  -3.505  -10.934 1.00 10.00 ? 12 RMP B HMP3   1 
HETATM 377 H "H5'"  . RMP B 2 4 ? -3.105  -1.260  -7.827  1.00 10.00 ? 12 RMP B "H5'"  1 
HETATM 378 H "H5''" . RMP B 2 4 ? -2.211  -0.921  -9.297  1.00 10.00 ? 12 RMP B "H5''" 1 
HETATM 379 H "H4'"  . RMP B 2 4 ? -1.943  0.826   -7.747  1.00 10.00 ? 12 RMP B "H4'"  1 
HETATM 380 H "H1'"  . RMP B 2 4 ? -0.081  0.982   -5.344  1.00 10.00 ? 12 RMP B "H1'"  1 
HETATM 381 H H8     . RMP B 2 4 ? -0.345  -2.872  -4.999  1.00 10.00 ? 12 RMP B H8     1 
HETATM 382 H H61    . RMP B 2 4 ? 1.101   -1.806  0.935   1.00 10.00 ? 12 RMP B H61    1 
HETATM 383 H H62    . RMP B 2 4 ? 0.748   -3.039  -0.236  1.00 10.00 ? 12 RMP B H62    1 
HETATM 384 H H2     . RMP B 2 4 ? 1.211   2.010   -1.188  1.00 10.00 ? 12 RMP B H2     1 
HETATM 385 H "H3'"  . RMP B 2 4 ? 0.317   -0.493  -8.815  1.00 10.00 ? 12 RMP B "H3'"  1 
HETATM 386 H "H2'"  . RMP B 2 4 ? 0.973   -1.433  -6.769  1.00 10.00 ? 12 RMP B "H2'"  1 
HETATM 387 H "H2''" . RMP B 2 4 ? 1.764   0.118   -6.558  1.00 10.00 ? 12 RMP B "H2''" 1 
HETATM 388 P P      . SMP B 2 5 ? 1.591   2.076   -8.864  1.00 10.00 ? 13 SMP B P      1 
HETATM 389 C CMP    . SMP B 2 5 ? 2.404   1.067   -10.064 1.00 10.00 ? 13 SMP B CMP    1 
HETATM 390 O OP1    . SMP B 2 5 ? 1.214   3.273   -9.640  1.00 10.00 ? 13 SMP B OP1    1 
HETATM 391 O "O5'"  . SMP B 2 5 ? 2.453   2.565   -7.612  1.00 10.00 ? 13 SMP B "O5'"  1 
HETATM 392 C "C5'"  . SMP B 2 5 ? 2.064   3.688   -6.878  1.00 10.00 ? 13 SMP B "C5'"  1 
HETATM 393 C "C4'"  . SMP B 2 5 ? 2.982   3.958   -5.703  1.00 10.00 ? 13 SMP B "C4'"  1 
HETATM 394 O "O4'"  . SMP B 2 5 ? 2.789   2.986   -4.709  1.00 10.00 ? 13 SMP B "O4'"  1 
HETATM 395 C "C1'"  . SMP B 2 5 ? 4.000   2.804   -4.034  1.00 10.00 ? 13 SMP B "C1'"  1 
HETATM 396 N N9     . SMP B 2 5 ? 4.017   1.504   -3.360  1.00 10.00 ? 13 SMP B N9     1 
HETATM 397 C C8     . SMP B 2 5 ? 3.937   0.269   -3.909  1.00 10.00 ? 13 SMP B C8     1 
HETATM 398 N N7     . SMP B 2 5 ? 4.124   -0.697  -3.056  1.00 10.00 ? 13 SMP B N7     1 
HETATM 399 C C5     . SMP B 2 5 ? 4.311   -0.037  -1.854  1.00 10.00 ? 13 SMP B C5     1 
HETATM 400 C C6     . SMP B 2 5 ? 4.548   -0.481  -0.535  1.00 10.00 ? 13 SMP B C6     1 
HETATM 401 N N6     . SMP B 2 5 ? 4.619   -1.750  -0.173  1.00 10.00 ? 13 SMP B N6     1 
HETATM 402 N N1     . SMP B 2 5 ? 4.721   0.424   0.430   1.00 10.00 ? 13 SMP B N1     1 
HETATM 403 C C2     . SMP B 2 5 ? 4.658   1.708   0.116   1.00 10.00 ? 13 SMP B C2     1 
HETATM 404 N N3     . SMP B 2 5 ? 4.433   2.264   -1.065  1.00 10.00 ? 13 SMP B N3     1 
HETATM 405 C C4     . SMP B 2 5 ? 4.263   1.319   -2.029  1.00 10.00 ? 13 SMP B C4     1 
HETATM 406 C "C3'"  . SMP B 2 5 ? 4.489   4.015   -5.991  1.00 10.00 ? 13 SMP B "C3'"  1 
HETATM 407 C "C2'"  . SMP B 2 5 ? 4.992   2.848   -5.168  1.00 10.00 ? 13 SMP B "C2'"  1 
HETATM 408 O "O3'"  . SMP B 2 5 ? 4.902   5.291   -5.557  1.00 10.00 ? 13 SMP B "O3'"  1 
HETATM 409 H HMP1   . SMP B 2 5 ? 1.758   0.829   -10.807 1.00 10.00 ? 13 SMP B HMP1   1 
HETATM 410 H HMP2   . SMP B 2 5 ? 2.742   0.224   -9.651  1.00 10.00 ? 13 SMP B HMP2   1 
HETATM 411 H HMP3   . SMP B 2 5 ? 3.192   1.516   -10.440 1.00 10.00 ? 13 SMP B HMP3   1 
HETATM 412 H "H5'"  . SMP B 2 5 ? 1.064   3.558   -6.503  1.00 10.00 ? 13 SMP B "H5'"  1 
HETATM 413 H "H5''" . SMP B 2 5 ? 2.064   4.528   -7.531  1.00 10.00 ? 13 SMP B "H5''" 1 
HETATM 414 H "H4'"  . SMP B 2 5 ? 2.659   4.904   -5.282  1.00 10.00 ? 13 SMP B "H4'"  1 
HETATM 415 H "H1'"  . SMP B 2 5 ? 4.216   3.609   -3.332  1.00 10.00 ? 13 SMP B "H1'"  1 
HETATM 416 H H8     . SMP B 2 5 ? 3.759   0.183   -4.964  1.00 10.00 ? 13 SMP B H8     1 
HETATM 417 H H61    . SMP B 2 5 ? 4.737   -1.970  0.789   1.00 10.00 ? 13 SMP B H61    1 
HETATM 418 H H62    . SMP B 2 5 ? 4.501   -2.448  -0.856  1.00 10.00 ? 13 SMP B H62    1 
HETATM 419 H H2     . SMP B 2 5 ? 4.827   2.385   0.931   1.00 10.00 ? 13 SMP B H2     1 
HETATM 420 H "H3'"  . SMP B 2 5 ? 4.685   3.840   -7.063  1.00 10.00 ? 13 SMP B "H3'"  1 
HETATM 421 H "H2'"  . SMP B 2 5 ? 4.923   1.961   -5.788  1.00 10.00 ? 13 SMP B "H2'"  1 
HETATM 422 H "H2''" . SMP B 2 5 ? 6.001   2.960   -4.800  1.00 10.00 ? 13 SMP B "H2''" 1 
HETATM 423 P P      . CMR B 2 6 ? 6.424   5.764   -5.510  1.00 10.00 ? 14 CMR B P      1 
HETATM 424 C CMP    . CMR B 2 6 ? 6.819   7.380   -6.158  1.00 10.00 ? 14 CMR B CMP    1 
HETATM 425 O OP1    . CMR B 2 6 ? 7.209   4.849   -6.362  1.00 10.00 ? 14 CMR B OP1    1 
HETATM 426 O "O5'"  . CMR B 2 6 ? 6.787   5.474   -3.983  1.00 10.00 ? 14 CMR B "O5'"  1 
HETATM 427 C "C5'"  . CMR B 2 6 ? 6.092   6.113   -2.945  1.00 10.00 ? 14 CMR B "C5'"  1 
HETATM 428 C "C4'"  . CMR B 2 6 ? 6.748   5.852   -1.606  1.00 10.00 ? 14 CMR B "C4'"  1 
HETATM 429 O "O4'"  . CMR B 2 6 ? 6.610   4.495   -1.302  1.00 10.00 ? 14 CMR B "O4'"  1 
HETATM 430 C "C1'"  . CMR B 2 6 ? 7.822   3.985   -0.828  1.00 10.00 ? 14 CMR B "C1'"  1 
HETATM 431 N N1     . CMR B 2 6 ? 7.888   2.525   -1.060  1.00 10.00 ? 14 CMR B N1     1 
HETATM 432 C C6     . CMR B 2 6 ? 7.640   2.028   -2.305  1.00 10.00 ? 14 CMR B C6     1 
HETATM 433 C C5     . CMR B 2 6 ? 7.665   0.708   -2.550  1.00 10.00 ? 14 CMR B C5     1 
HETATM 434 C C4     . CMR B 2 6 ? 7.955   -0.140  -1.435  1.00 10.00 ? 14 CMR B C4     1 
HETATM 435 N N4     . CMR B 2 6 ? 7.914   -1.441  -1.593  1.00 10.00 ? 14 CMR B N4     1 
HETATM 436 N N3     . CMR B 2 6 ? 8.183   0.328   -0.198  1.00 10.00 ? 14 CMR B N3     1 
HETATM 437 C C2     . CMR B 2 6 ? 8.159   1.676   -0.005  1.00 10.00 ? 14 CMR B C2     1 
HETATM 438 O O2     . CMR B 2 6 ? 8.372   2.099   1.118   1.00 10.00 ? 14 CMR B O2     1 
HETATM 439 C "C3'"  . CMR B 2 6 ? 8.237   6.164   -1.551  1.00 10.00 ? 14 CMR B "C3'"  1 
HETATM 440 C "C2'"  . CMR B 2 6 ? 8.887   4.785   -1.553  1.00 10.00 ? 14 CMR B "C2'"  1 
HETATM 441 O "O3'"  . CMR B 2 6 ? 8.478   6.891   -0.373  1.00 10.00 ? 14 CMR B "O3'"  1 
HETATM 442 H HMP1   . CMR B 2 6 ? 6.694   7.769   -6.271  1.00 10.00 ? 14 CMR B HMP1   1 
HETATM 443 H HMP2   . CMR B 2 6 ? 6.950   7.611   -6.478  1.00 10.00 ? 14 CMR B HMP2   1 
HETATM 444 H HMP3   . CMR B 2 6 ? 7.036   7.726   -6.105  1.00 10.00 ? 14 CMR B HMP3   1 
HETATM 445 H "H5'"  . CMR B 2 6 ? 5.066   5.751   -2.911  1.00 10.00 ? 14 CMR B "H5'"  1 
HETATM 446 H "H5''" . CMR B 2 6 ? 6.054   7.165   -3.121  1.00 10.00 ? 14 CMR B "H5''" 1 
HETATM 447 H "H4'"  . CMR B 2 6 ? 6.214   6.436   -0.870  1.00 10.00 ? 14 CMR B "H4'"  1 
HETATM 448 H "H1'"  . CMR B 2 6 ? 7.903   4.195   0.257   1.00 10.00 ? 14 CMR B "H1'"  1 
HETATM 449 H H6     . CMR B 2 6 ? 7.409   2.727   -3.086  1.00 10.00 ? 14 CMR B H6     1 
HETATM 450 H H5     . CMR B 2 6 ? 7.468   0.350   -3.538  1.00 10.00 ? 14 CMR B H5     1 
HETATM 451 H H41    . CMR B 2 6 ? 7.712   -1.886  -2.458  1.00 10.00 ? 14 CMR B H41    1 
HETATM 452 H H42    . CMR B 2 6 ? 8.036   -1.955  -0.751  1.00 10.00 ? 14 CMR B H42    1 
HETATM 453 H "H3'"  . CMR B 2 6 ? 8.545   6.744   -2.410  1.00 10.00 ? 14 CMR B "H3'"  1 
HETATM 454 H "H2'"  . CMR B 2 6 ? 9.008   4.440   -2.559  1.00 10.00 ? 14 CMR B "H2'"  1 
HETATM 455 H "H2''" . CMR B 2 6 ? 9.846   4.762   -1.049  1.00 10.00 ? 14 CMR B "H2''" 1 
HETATM 456 P P      . RMP B 2 7 ? 9.874   7.617   -0.053  1.00 10.00 ? 15 RMP B P      1 
HETATM 457 C CMP    . RMP B 2 7 ? 9.811   9.356   0.304   1.00 10.00 ? 15 RMP B CMP    1 
HETATM 458 O OP1    . RMP B 2 7 ? 10.690  7.574   -1.270  1.00 10.00 ? 15 RMP B OP1    1 
HETATM 459 O "O5'"  . RMP B 2 7 ? 10.616  6.712   1.019   1.00 10.00 ? 15 RMP B "O5'"  1 
HETATM 460 C "C5'"  . RMP B 2 7 ? 10.228  6.709   2.362   1.00 10.00 ? 15 RMP B "C5'"  1 
HETATM 461 C "C4'"  . RMP B 2 7 ? 11.044  5.736   3.182   1.00 10.00 ? 15 RMP B "C4'"  1 
HETATM 462 O "O4'"  . RMP B 2 7 ? 10.749  4.431   2.765   1.00 10.00 ? 15 RMP B "O4'"  1 
HETATM 463 C "C1'"  . RMP B 2 7 ? 11.903  3.658   2.795   1.00 10.00 ? 15 RMP B "C1'"  1 
HETATM 464 N N9     . RMP B 2 7 ? 11.790  2.600   1.780   1.00 10.00 ? 15 RMP B N9     1 
HETATM 465 C C8     . RMP B 2 7 ? 11.627  2.734   0.425   1.00 10.00 ? 15 RMP B C8     1 
HETATM 466 N N7     . RMP B 2 7 ? 11.501  1.612   -0.212  1.00 10.00 ? 15 RMP B N7     1 
HETATM 467 C C5     . RMP B 2 7 ? 11.603  0.662   0.800   1.00 10.00 ? 15 RMP B C5     1 
HETATM 468 C C6     . RMP B 2 7 ? 11.491  -0.738  0.818   1.00 10.00 ? 15 RMP B C6     1 
HETATM 469 N N6     . RMP B 2 7 ? 11.280  -1.465  -0.267  1.00 10.00 ? 15 RMP B N6     1 
HETATM 470 N N1     . RMP B 2 7 ? 11.606  -1.395  1.978   1.00 10.00 ? 15 RMP B N1     1 
HETATM 471 C C2     . RMP B 2 7 ? 11.858  -0.705  3.080   1.00 10.00 ? 15 RMP B C2     1 
HETATM 472 N N3     . RMP B 2 7 ? 11.952  0.611   3.214   1.00 10.00 ? 15 RMP B N3     1 
HETATM 473 C C4     . RMP B 2 7 ? 11.794  1.250   2.020   1.00 10.00 ? 15 RMP B C4     1 
HETATM 474 C "C3'"  . RMP B 2 7 ? 12.540  5.932   3.058   1.00 10.00 ? 15 RMP B "C3'"  1 
HETATM 475 C "C2'"  . RMP B 2 7 ? 13.014  4.634   2.537   1.00 10.00 ? 15 RMP B "C2'"  1 
HETATM 476 O "O3'"  . RMP B 2 7 ? 13.144  6.237   4.233   1.00 10.00 ? 15 RMP B "O3'"  1 
HETATM 477 H HMP1   . RMP B 2 7 ? 9.560   9.595   0.439   1.00 10.00 ? 15 RMP B HMP1   1 
HETATM 478 H HMP2   . RMP B 2 7 ? 9.836   9.693   0.136   1.00 10.00 ? 15 RMP B HMP2   1 
HETATM 479 H HMP3   . RMP B 2 7 ? 10.002  9.686   0.549   1.00 10.00 ? 15 RMP B HMP3   1 
HETATM 480 H "H5'"  . RMP B 2 7 ? 9.197   6.441   2.438   1.00 10.00 ? 15 RMP B "H5'"  1 
HETATM 481 H "H5''" . RMP B 2 7 ? 10.353  7.682   2.765   1.00 10.00 ? 15 RMP B "H5''" 1 
HETATM 482 H "H4'"  . RMP B 2 7 ? 10.764  5.826   4.226   1.00 10.00 ? 15 RMP B "H4'"  1 
HETATM 483 H "H1'"  . RMP B 2 7 ? 12.014  3.229   3.771   1.00 10.00 ? 15 RMP B "H1'"  1 
HETATM 484 H H8     . RMP B 2 7 ? 11.599  3.708   -0.019  1.00 10.00 ? 15 RMP B H8     1 
HETATM 485 H H61    . RMP B 2 7 ? 11.267  -2.447  -0.211  1.00 10.00 ? 15 RMP B H61    1 
HETATM 486 H H62    . RMP B 2 7 ? 11.093  -1.004  -1.144  1.00 10.00 ? 15 RMP B H62    1 
HETATM 487 H H2     . RMP B 2 7 ? 11.969  -1.287  3.976   1.00 10.00 ? 15 RMP B H2     1 
HETATM 488 H "H3'"  . RMP B 2 7 ? 12.758  6.662   2.364   1.00 10.00 ? 15 RMP B "H3'"  1 
HETATM 489 H "H2'"  . RMP B 2 7 ? 13.178  4.705   1.532   1.00 10.00 ? 15 RMP B "H2'"  1 
HETATM 490 H "H2''" . RMP B 2 7 ? 13.874  4.339   3.001   1.00 10.00 ? 15 RMP B "H2''" 1 
HETATM 491 H "HO3'" . RMP B 2 7 ? 12.959  5.577   4.895   1.00 10.00 ? 15 RMP B "HO3'" 1 
# 
